data_2HZV
#
_entry.id   2HZV
#
_cell.length_a   197.203
_cell.length_b   76.132
_cell.length_c   132.092
_cell.angle_alpha   90.00
_cell.angle_beta   110.27
_cell.angle_gamma   90.00
#
_symmetry.space_group_name_H-M   'C 1 2 1'
#
loop_
_entity.id
_entity.type
_entity.pdbx_description
1 polymer "5'-D(*AP*GP*TP*AP*TP*GP*AP*CP*GP*AP*AP*TP*AP*CP*TP*TP*AP*AP*AP*AP*TP*CP*GP*TP*CP*AP*TP*AP*CP*T)-3'"
2 polymer "5'-D(*AP*GP*TP*AP*TP*GP*AP*CP*GP*AP*TP*TP*TP*TP*AP*AP*GP*TP*AP*TP*TP*CP*GP*TP*CP*AP*TP*AP*CP*T)-3'"
3 polymer 'Nickel-responsive regulator'
4 non-polymer 'NICKEL (II) ION'
5 non-polymer 'POTASSIUM ION'
#
loop_
_entity_poly.entity_id
_entity_poly.type
_entity_poly.pdbx_seq_one_letter_code
_entity_poly.pdbx_strand_id
1 'polydeoxyribonucleotide'
;(DA)(DG)(DT)(DA)(DT)(DG)(DA)(DC)(DG)(DA)(DA)(DT)(DA)(DC)(DT)(DT)(DA)(DA)(DA)(DA)
(DT)(DC)(DG)(DT)(DC)(DA)(DT)(DA)(DC)(DT)
;
I,K
2 'polydeoxyribonucleotide'
;(DA)(DG)(DT)(DA)(DT)(DG)(DA)(DC)(DG)(DA)(DT)(DT)(DT)(DT)(DA)(DA)(DG)(DT)(DA)(DT)
(DT)(DC)(DG)(DT)(DC)(DA)(DT)(DA)(DC)(DT)
;
J,L
3 'polypeptide(L)'
;(MSE)QRVTITLDDDLLETLDSLSQRRGYNNRSEAIRDILRSALAQEATQQHGTQGFAVLSYVYEHEKRDLASRIVSTQH
HHHDLSVATLHVHINHDDCLEIAVLKGD(MSE)GDVQHFADDVIAQRGVRHGHLQCLPKED
;
A,B,C,D,E,F,G,H
#
loop_
_chem_comp.id
_chem_comp.type
_chem_comp.name
_chem_comp.formula
DA DNA linking 2'-DEOXYADENOSINE-5'-MONOPHOSPHATE 'C10 H14 N5 O6 P'
DC DNA linking 2'-DEOXYCYTIDINE-5'-MONOPHOSPHATE 'C9 H14 N3 O7 P'
DG DNA linking 2'-DEOXYGUANOSINE-5'-MONOPHOSPHATE 'C10 H14 N5 O7 P'
DT DNA linking THYMIDINE-5'-MONOPHOSPHATE 'C10 H15 N2 O8 P'
K non-polymer 'POTASSIUM ION' 'K 1'
NI non-polymer 'NICKEL (II) ION' 'Ni 2'
#
# COMPACT_ATOMS: atom_id res chain seq x y z
N MSE E 1 18.26 -12.13 15.50
CA MSE E 1 17.43 -11.61 16.61
C MSE E 1 15.98 -12.07 16.50
O MSE E 1 15.63 -13.14 16.98
CB MSE E 1 17.49 -10.08 16.64
CG MSE E 1 17.44 -9.44 15.27
SE MSE E 1 17.96 -7.55 15.31
CE MSE E 1 16.37 -6.80 14.55
N GLN E 2 15.13 -11.25 15.88
CA GLN E 2 13.73 -11.63 15.72
C GLN E 2 13.12 -10.86 14.56
N ARG E 3 12.17 -11.49 13.89
CA ARG E 3 11.53 -10.90 12.73
C ARG E 3 10.04 -11.22 12.77
N VAL E 4 9.20 -10.20 12.65
CA VAL E 4 7.76 -10.44 12.75
C VAL E 4 6.93 -9.76 11.67
N THR E 5 5.75 -10.31 11.41
CA THR E 5 4.87 -9.73 10.43
C THR E 5 3.61 -9.29 11.14
N ILE E 6 3.11 -8.13 10.77
CA ILE E 6 1.91 -7.64 11.40
C ILE E 6 1.04 -7.20 10.26
N THR E 7 -0.18 -6.81 10.57
CA THR E 7 -1.08 -6.38 9.52
C THR E 7 -1.76 -5.10 9.94
N LEU E 8 -1.70 -4.11 9.08
CA LEU E 8 -2.31 -2.83 9.36
C LEU E 8 -3.07 -2.37 8.15
N ASP E 9 -4.13 -1.60 8.39
CA ASP E 9 -5.00 -1.07 7.35
C ASP E 9 -4.32 -0.19 6.33
N ASP E 10 -4.63 -0.46 5.07
CA ASP E 10 -4.07 0.27 3.94
C ASP E 10 -3.94 1.75 4.26
N ASP E 11 -4.92 2.28 4.97
CA ASP E 11 -4.92 3.67 5.34
C ASP E 11 -3.68 4.02 6.16
N LEU E 12 -3.58 3.48 7.36
CA LEU E 12 -2.46 3.72 8.27
C LEU E 12 -1.10 3.56 7.61
N LEU E 13 -0.85 2.41 6.97
CA LEU E 13 0.44 2.18 6.33
C LEU E 13 0.87 3.35 5.45
N GLU E 14 -0.07 3.90 4.69
CA GLU E 14 0.23 5.02 3.81
C GLU E 14 0.74 6.18 4.67
N THR E 15 0.07 6.43 5.79
CA THR E 15 0.44 7.50 6.70
C THR E 15 1.85 7.26 7.27
N LEU E 16 2.18 5.99 7.50
CA LEU E 16 3.50 5.63 8.03
C LEU E 16 4.55 5.83 6.97
N ASP E 17 4.29 5.30 5.77
CA ASP E 17 5.24 5.42 4.68
C ASP E 17 5.50 6.87 4.28
N SER E 18 4.52 7.74 4.46
CA SER E 18 4.74 9.15 4.16
C SER E 18 5.89 9.57 5.09
N LEU E 19 5.75 9.23 6.37
CA LEU E 19 6.75 9.56 7.38
C LEU E 19 8.12 8.99 7.03
N SER E 20 8.15 7.73 6.60
CA SER E 20 9.41 7.10 6.25
C SER E 20 10.22 7.97 5.29
N GLN E 21 9.65 8.35 4.14
CA GLN E 21 10.38 9.18 3.20
C GLN E 21 10.45 10.64 3.64
N ARG E 22 9.29 11.19 3.98
CA ARG E 22 9.20 12.59 4.40
C ARG E 22 10.22 13.00 5.44
N ARG E 23 10.35 12.23 6.50
CA ARG E 23 11.30 12.61 7.51
C ARG E 23 12.47 11.69 7.77
N GLY E 24 13.31 11.51 6.76
CA GLY E 24 14.51 10.70 6.95
C GLY E 24 14.51 9.23 6.59
N TYR E 25 14.32 8.37 7.59
CA TYR E 25 14.34 6.93 7.36
C TYR E 25 13.72 6.50 6.05
N ASN E 26 14.53 6.14 5.06
CA ASN E 26 13.91 5.65 3.85
C ASN E 26 13.85 4.16 4.11
N ASN E 27 13.51 3.85 5.36
CA ASN E 27 13.41 2.48 5.88
C ASN E 27 12.17 2.36 6.76
N ARG E 28 11.19 1.56 6.32
CA ARG E 28 9.97 1.39 7.10
C ARG E 28 10.27 0.83 8.50
N SER E 29 11.00 -0.28 8.53
CA SER E 29 11.39 -0.90 9.79
C SER E 29 11.83 0.11 10.84
N GLU E 30 12.91 0.85 10.58
CA GLU E 30 13.35 1.83 11.57
C GLU E 30 12.20 2.74 11.94
N ALA E 31 11.65 3.45 10.96
CA ALA E 31 10.55 4.36 11.23
C ALA E 31 9.72 3.83 12.39
N ILE E 32 9.27 2.59 12.22
CA ILE E 32 8.44 1.89 13.20
C ILE E 32 9.17 1.74 14.52
N ARG E 33 10.30 1.08 14.48
CA ARG E 33 11.09 0.87 15.69
C ARG E 33 11.18 2.16 16.50
N ASP E 34 11.75 3.20 15.92
CA ASP E 34 11.88 4.45 16.65
C ASP E 34 10.57 4.85 17.29
N ILE E 35 9.45 4.59 16.61
CA ILE E 35 8.14 4.96 17.17
C ILE E 35 7.76 4.01 18.28
N LEU E 36 8.24 2.78 18.17
CA LEU E 36 7.99 1.73 19.14
C LEU E 36 8.78 2.02 20.41
N ARG E 37 10.06 2.39 20.27
CA ARG E 37 10.86 2.66 21.45
C ARG E 37 10.41 3.92 22.15
N SER E 38 9.70 4.78 21.43
CA SER E 38 9.21 6.00 22.05
C SER E 38 8.19 5.49 23.03
N ALA E 39 7.26 4.70 22.51
CA ALA E 39 6.21 4.10 23.31
C ALA E 39 6.77 3.41 24.54
N LEU E 40 7.51 2.34 24.32
CA LEU E 40 8.07 1.59 25.44
C LEU E 40 8.77 2.46 26.47
N ALA E 41 9.88 3.06 26.07
CA ALA E 41 10.68 3.89 26.98
C ALA E 41 9.91 5.01 27.64
N GLN E 42 8.70 5.29 27.14
CA GLN E 42 7.85 6.33 27.74
C GLN E 42 7.21 5.77 28.97
N GLU E 43 6.54 4.63 28.79
CA GLU E 43 5.86 3.92 29.88
C GLU E 43 6.91 3.05 30.56
N ALA E 44 8.15 3.53 30.54
CA ALA E 44 9.27 2.85 31.15
C ALA E 44 9.88 3.84 32.14
N THR E 45 9.67 5.13 31.89
CA THR E 45 10.18 6.18 32.76
C THR E 45 9.19 6.32 33.91
N GLN E 46 7.91 6.37 33.55
CA GLN E 46 6.83 6.48 34.53
C GLN E 46 6.65 5.12 35.16
N GLN E 47 7.66 4.73 35.95
CA GLN E 47 7.67 3.46 36.66
C GLN E 47 8.66 3.44 37.83
N HIS E 48 8.61 2.36 38.61
CA HIS E 48 9.46 2.21 39.80
C HIS E 48 10.89 1.76 39.52
N GLY E 49 11.79 2.13 40.43
CA GLY E 49 13.21 1.76 40.33
C GLY E 49 13.91 2.19 39.06
N THR E 50 13.16 2.78 38.14
CA THR E 50 13.68 3.24 36.85
C THR E 50 14.82 4.25 37.02
N GLN E 51 16.02 3.87 36.57
CA GLN E 51 17.19 4.74 36.66
C GLN E 51 17.81 4.92 35.27
N GLY E 52 18.59 5.98 35.09
CA GLY E 52 19.22 6.22 33.81
C GLY E 52 19.78 7.61 33.64
N PHE E 53 19.60 8.16 32.44
CA PHE E 53 20.08 9.49 32.11
C PHE E 53 18.91 10.36 31.65
N ALA E 54 19.10 11.67 31.66
CA ALA E 54 18.06 12.59 31.25
C ALA E 54 18.64 13.90 30.75
N VAL E 55 17.95 14.53 29.81
CA VAL E 55 18.42 15.78 29.26
C VAL E 55 17.44 16.92 29.51
N LEU E 56 17.72 17.68 30.57
CA LEU E 56 16.87 18.81 30.95
C LEU E 56 17.25 20.12 30.27
N SER E 57 16.43 20.57 29.32
CA SER E 57 16.71 21.83 28.62
C SER E 57 15.70 22.92 29.01
N TYR E 58 16.10 24.17 28.87
CA TYR E 58 15.23 25.30 29.21
C TYR E 58 15.87 26.64 28.91
N VAL E 59 15.05 27.69 28.92
CA VAL E 59 15.52 29.03 28.63
C VAL E 59 15.18 29.94 29.79
N TYR E 60 15.93 31.03 29.93
CA TYR E 60 15.67 32.00 30.99
C TYR E 60 16.46 33.29 30.75
N GLU E 61 16.13 34.31 31.53
CA GLU E 61 16.81 35.60 31.41
C GLU E 61 17.79 35.73 32.58
N HIS E 62 19.05 35.98 32.26
CA HIS E 62 20.11 36.13 33.25
C HIS E 62 20.05 37.52 33.87
N GLU E 63 19.34 38.42 33.17
CA GLU E 63 19.18 39.81 33.62
C GLU E 63 18.61 39.89 35.03
N LYS E 64 17.63 39.05 35.32
CA LYS E 64 17.01 39.01 36.65
C LYS E 64 18.02 38.50 37.66
N ARG E 65 18.56 39.41 38.48
CA ARG E 65 19.58 39.08 39.48
C ARG E 65 19.21 37.92 40.40
N ASP E 66 17.95 37.47 40.36
CA ASP E 66 17.49 36.35 41.18
C ASP E 66 17.17 35.13 40.31
N LEU E 67 17.61 35.18 39.06
CA LEU E 67 17.40 34.09 38.10
C LEU E 67 18.72 33.52 37.61
N ALA E 68 19.71 34.40 37.43
CA ALA E 68 21.04 34.00 36.96
C ALA E 68 21.69 32.97 37.90
N SER E 69 22.22 33.44 39.03
CA SER E 69 22.87 32.56 40.00
C SER E 69 21.87 31.83 40.89
N ARG E 70 20.62 31.75 40.44
CA ARG E 70 19.57 31.08 41.21
C ARG E 70 19.46 29.62 40.78
N ILE E 71 19.54 29.38 39.47
CA ILE E 71 19.45 28.03 38.91
C ILE E 71 20.63 27.17 39.37
N VAL E 72 21.83 27.75 39.31
CA VAL E 72 23.06 27.05 39.73
C VAL E 72 23.02 26.54 41.16
N SER E 73 22.40 27.31 42.04
CA SER E 73 22.28 26.92 43.45
C SER E 73 21.40 25.69 43.57
N THR E 74 20.25 25.71 42.90
CA THR E 74 19.34 24.57 42.94
C THR E 74 20.07 23.33 42.44
N GLN E 75 20.71 23.45 41.28
CA GLN E 75 21.46 22.34 40.69
C GLN E 75 22.52 21.81 41.66
N HIS E 76 23.20 22.72 42.36
CA HIS E 76 24.23 22.33 43.33
C HIS E 76 23.64 21.55 44.49
N HIS E 77 22.34 21.68 44.69
CA HIS E 77 21.65 20.96 45.77
C HIS E 77 21.64 19.48 45.40
N HIS E 78 21.51 19.19 44.10
CA HIS E 78 21.50 17.83 43.56
C HIS E 78 22.73 17.66 42.66
N HIS E 79 23.90 18.12 43.11
CA HIS E 79 25.14 18.04 42.33
C HIS E 79 25.53 16.56 42.09
N ASP E 80 24.79 15.67 42.71
CA ASP E 80 25.00 14.24 42.58
C ASP E 80 24.22 13.68 41.39
N LEU E 81 23.27 14.46 40.89
CA LEU E 81 22.45 14.05 39.74
C LEU E 81 22.86 14.73 38.45
N SER E 82 23.71 15.76 38.58
CA SER E 82 24.19 16.50 37.42
C SER E 82 25.54 16.00 36.93
N VAL E 83 25.64 15.86 35.62
CA VAL E 83 26.88 15.41 34.96
C VAL E 83 27.56 16.70 34.54
N ALA E 84 26.88 17.42 33.68
CA ALA E 84 27.38 18.69 33.19
C ALA E 84 26.19 19.48 32.75
N THR E 85 26.44 20.73 32.39
CA THR E 85 25.38 21.60 31.95
C THR E 85 25.95 22.55 30.90
N LEU E 86 25.52 22.33 29.67
CA LEU E 86 25.96 23.15 28.56
C LEU E 86 25.11 24.41 28.65
N HIS E 87 25.64 25.54 28.21
CA HIS E 87 24.90 26.78 28.32
C HIS E 87 25.27 27.65 27.13
N VAL E 88 24.27 28.29 26.55
CA VAL E 88 24.48 29.16 25.40
C VAL E 88 23.96 30.55 25.71
N HIS E 89 24.50 31.56 25.03
CA HIS E 89 24.05 32.92 25.25
C HIS E 89 23.42 33.41 23.97
N ILE E 90 22.16 33.02 23.77
CA ILE E 90 21.40 33.40 22.60
C ILE E 90 21.52 34.87 22.28
N ASN E 91 21.32 35.70 23.32
CA ASN E 91 21.40 37.15 23.17
C ASN E 91 21.71 37.84 24.49
N HIS E 92 21.90 39.15 24.40
CA HIS E 92 22.22 40.01 25.53
C HIS E 92 21.61 39.61 26.88
N ASP E 93 20.43 39.00 26.85
CA ASP E 93 19.75 38.60 28.10
C ASP E 93 19.07 37.22 28.13
N ASP E 94 19.20 36.46 27.05
CA ASP E 94 18.59 35.12 26.98
C ASP E 94 19.60 33.97 27.16
N CYS E 95 19.21 33.00 27.99
CA CYS E 95 20.06 31.85 28.27
C CYS E 95 19.40 30.54 27.91
N LEU E 96 20.15 29.69 27.20
CA LEU E 96 19.69 28.37 26.81
C LEU E 96 20.57 27.38 27.53
N GLU E 97 20.02 26.73 28.56
CA GLU E 97 20.77 25.77 29.34
C GLU E 97 20.27 24.34 29.16
N ILE E 98 21.20 23.42 29.11
CA ILE E 98 20.90 22.01 28.92
C ILE E 98 21.66 21.27 30.01
N ALA E 99 20.94 20.57 30.87
CA ALA E 99 21.61 19.85 31.94
C ALA E 99 21.46 18.37 31.75
N VAL E 100 22.60 17.70 31.62
CA VAL E 100 22.59 16.25 31.44
C VAL E 100 22.54 15.70 32.85
N LEU E 101 21.62 14.78 33.10
CA LEU E 101 21.45 14.21 34.44
C LEU E 101 21.50 12.71 34.46
N LYS E 102 22.01 12.18 35.57
CA LYS E 102 22.14 10.74 35.76
C LYS E 102 21.71 10.36 37.18
N GLY E 103 21.04 9.23 37.28
CA GLY E 103 20.59 8.76 38.58
C GLY E 103 19.29 7.99 38.49
N ASP E 104 18.44 8.17 39.50
CA ASP E 104 17.16 7.51 39.55
C ASP E 104 16.15 8.44 38.89
N MSE E 105 15.38 7.92 37.94
CA MSE E 105 14.38 8.72 37.23
C MSE E 105 13.44 9.50 38.15
O MSE E 105 12.76 10.44 37.70
CB MSE E 105 13.56 7.83 36.29
CG MSE E 105 14.38 7.18 35.17
SE MSE E 105 15.16 8.40 33.89
CE MSE E 105 16.92 8.48 34.65
N GLY E 106 13.38 9.13 39.41
CA GLY E 106 12.53 9.85 40.34
C GLY E 106 13.18 11.18 40.69
N ASP E 107 14.27 11.09 41.42
CA ASP E 107 15.04 12.25 41.84
C ASP E 107 15.18 13.22 40.68
N VAL E 108 15.43 12.66 39.49
CA VAL E 108 15.58 13.48 38.29
C VAL E 108 14.32 14.28 38.04
N GLN E 109 13.21 13.61 37.74
CA GLN E 109 11.97 14.33 37.50
C GLN E 109 11.85 15.36 38.59
N HIS E 110 12.12 14.95 39.83
CA HIS E 110 12.08 15.84 40.98
C HIS E 110 12.95 17.04 40.58
N PHE E 111 14.26 16.84 40.65
CA PHE E 111 15.24 17.84 40.28
C PHE E 111 14.70 18.76 39.19
N ALA E 112 14.31 18.19 38.06
CA ALA E 112 13.79 18.96 36.93
C ALA E 112 12.79 19.97 37.42
N ASP E 113 11.74 19.45 38.06
CA ASP E 113 10.66 20.27 38.60
C ASP E 113 11.21 21.50 39.31
N ASP E 114 12.06 21.26 40.31
CA ASP E 114 12.66 22.35 41.08
C ASP E 114 13.21 23.40 40.14
N VAL E 115 13.93 22.96 39.12
CA VAL E 115 14.53 23.88 38.15
C VAL E 115 13.50 24.48 37.19
N ILE E 116 12.46 23.73 36.87
CA ILE E 116 11.43 24.26 35.98
C ILE E 116 10.71 25.35 36.77
N ALA E 117 10.65 25.15 38.09
CA ALA E 117 9.99 26.09 39.01
C ALA E 117 10.62 27.50 39.01
N GLN E 118 11.69 27.70 39.78
CA GLN E 118 12.38 28.98 39.88
C GLN E 118 11.90 30.01 38.85
N ARG E 119 10.75 30.62 39.13
CA ARG E 119 10.11 31.61 38.27
C ARG E 119 11.02 32.28 37.25
N GLY E 120 10.64 32.17 35.97
CA GLY E 120 11.41 32.76 34.90
C GLY E 120 12.00 31.75 33.93
N VAL E 121 11.68 30.47 34.14
CA VAL E 121 12.18 29.38 33.31
C VAL E 121 11.13 28.92 32.30
N ARG E 122 11.22 29.42 31.07
CA ARG E 122 10.25 29.08 30.02
C ARG E 122 10.68 27.89 29.17
N HIS E 123 9.72 27.35 28.41
CA HIS E 123 9.95 26.22 27.50
C HIS E 123 10.54 24.97 28.15
N GLY E 124 10.78 25.05 29.46
CA GLY E 124 11.35 23.95 30.23
C GLY E 124 10.88 22.57 29.84
N HIS E 125 11.82 21.72 29.41
CA HIS E 125 11.53 20.36 28.99
C HIS E 125 12.56 19.33 29.49
N LEU E 126 12.11 18.11 29.75
CA LEU E 126 13.01 17.06 30.21
C LEU E 126 12.77 15.75 29.48
N GLN E 127 13.84 15.19 28.94
CA GLN E 127 13.76 13.94 28.21
C GLN E 127 14.51 12.88 29.04
N CYS E 128 13.86 11.73 29.26
CA CYS E 128 14.46 10.64 30.04
C CYS E 128 15.00 9.50 29.18
N LEU E 129 16.12 8.93 29.59
CA LEU E 129 16.74 7.85 28.85
C LEU E 129 17.13 6.70 29.75
N PRO E 130 16.13 5.99 30.27
CA PRO E 130 16.33 4.84 31.17
C PRO E 130 17.40 3.90 30.66
N LYS E 131 17.91 3.04 31.55
CA LYS E 131 18.95 2.06 31.21
C LYS E 131 18.35 0.75 30.68
N MSE F 1 -6.33 -5.53 4.16
CA MSE F 1 -5.22 -4.70 4.73
C MSE F 1 -3.91 -5.14 4.13
O MSE F 1 -3.88 -6.05 3.31
CB MSE F 1 -5.16 -4.88 6.25
CG MSE F 1 -6.50 -4.90 6.90
SE MSE F 1 -6.25 -5.25 8.73
CE MSE F 1 -6.96 -3.58 9.43
N GLN F 2 -2.82 -4.52 4.57
CA GLN F 2 -1.52 -4.87 4.03
C GLN F 2 -0.61 -5.58 5.02
N ARG F 3 0.21 -6.46 4.48
CA ARG F 3 1.15 -7.22 5.29
C ARG F 3 2.40 -6.39 5.36
N VAL F 4 3.20 -6.60 6.40
CA VAL F 4 4.43 -5.86 6.58
C VAL F 4 5.29 -6.66 7.52
N THR F 5 6.57 -6.73 7.21
CA THR F 5 7.47 -7.46 8.08
C THR F 5 8.55 -6.55 8.64
N ILE F 6 8.59 -6.40 9.95
CA ILE F 6 9.60 -5.56 10.56
C ILE F 6 10.55 -6.47 11.29
N THR F 7 11.73 -5.96 11.61
CA THR F 7 12.75 -6.77 12.25
C THR F 7 13.04 -6.14 13.59
N LEU F 8 12.96 -6.90 14.68
CA LEU F 8 13.20 -6.29 15.98
C LEU F 8 14.24 -6.99 16.81
N ASP F 9 14.88 -6.25 17.71
CA ASP F 9 15.86 -6.86 18.58
C ASP F 9 15.04 -7.73 19.51
N ASP F 10 15.61 -8.84 19.97
CA ASP F 10 14.87 -9.72 20.86
C ASP F 10 14.30 -8.95 22.04
N ASP F 11 15.18 -8.28 22.79
CA ASP F 11 14.70 -7.51 23.93
C ASP F 11 13.52 -6.61 23.55
N LEU F 12 13.72 -5.76 22.55
CA LEU F 12 12.65 -4.86 22.12
C LEU F 12 11.34 -5.62 21.96
N LEU F 13 11.38 -6.71 21.21
CA LEU F 13 10.19 -7.53 20.96
C LEU F 13 9.49 -8.02 22.22
N GLU F 14 10.27 -8.52 23.18
CA GLU F 14 9.70 -8.98 24.46
C GLU F 14 9.09 -7.76 25.19
N THR F 15 9.94 -6.78 25.48
CA THR F 15 9.49 -5.58 26.15
C THR F 15 8.13 -5.20 25.55
N LEU F 16 8.04 -5.20 24.21
CA LEU F 16 6.83 -4.82 23.51
C LEU F 16 5.66 -5.74 23.69
N ASP F 17 5.88 -7.03 23.46
CA ASP F 17 4.79 -8.00 23.60
C ASP F 17 4.19 -8.06 24.99
N SER F 18 5.02 -8.27 26.01
CA SER F 18 4.53 -8.32 27.37
C SER F 18 3.68 -7.08 27.64
N LEU F 19 4.26 -5.90 27.38
CA LEU F 19 3.54 -4.67 27.63
C LEU F 19 2.25 -4.64 26.86
N SER F 20 2.21 -5.33 25.73
CA SER F 20 0.99 -5.37 24.94
C SER F 20 0.01 -6.31 25.61
N GLN F 21 0.55 -7.32 26.29
CA GLN F 21 -0.27 -8.31 26.97
C GLN F 21 -0.87 -7.77 28.26
N ARG F 22 -0.06 -7.00 29.00
CA ARG F 22 -0.50 -6.41 30.26
C ARG F 22 -1.57 -5.34 30.01
N ARG F 23 -1.78 -4.99 28.73
CA ARG F 23 -2.78 -3.97 28.36
C ARG F 23 -4.08 -4.55 27.80
N GLY F 24 -4.15 -5.87 27.72
CA GLY F 24 -5.35 -6.50 27.20
C GLY F 24 -5.35 -6.80 25.71
N TYR F 25 -4.16 -6.71 25.09
CA TYR F 25 -3.99 -6.99 23.67
C TYR F 25 -3.71 -8.47 23.45
N ASN F 26 -4.50 -9.09 22.57
CA ASN F 26 -4.32 -10.51 22.28
C ASN F 26 -3.51 -10.71 20.99
N ASN F 27 -3.42 -9.65 20.17
CA ASN F 27 -2.67 -9.70 18.93
C ASN F 27 -1.74 -8.50 18.71
N ARG F 28 -0.49 -8.80 18.35
CA ARG F 28 0.53 -7.79 18.12
C ARG F 28 0.08 -6.74 17.11
N SER F 29 -0.35 -7.20 15.95
CA SER F 29 -0.80 -6.28 14.91
C SER F 29 -1.74 -5.19 15.40
N GLU F 30 -2.52 -5.47 16.42
CA GLU F 30 -3.42 -4.46 16.96
C GLU F 30 -2.58 -3.55 17.81
N ALA F 31 -1.89 -4.16 18.76
CA ALA F 31 -1.02 -3.44 19.68
C ALA F 31 -0.17 -2.37 18.97
N ILE F 32 0.60 -2.82 18.00
CA ILE F 32 1.48 -1.97 17.19
C ILE F 32 0.69 -0.95 16.39
N ARG F 33 -0.41 -1.39 15.81
CA ARG F 33 -1.28 -0.54 15.02
C ARG F 33 -1.68 0.67 15.85
N ASP F 34 -2.10 0.41 17.09
CA ASP F 34 -2.52 1.46 17.99
C ASP F 34 -1.42 2.46 18.31
N ILE F 35 -0.19 1.98 18.44
CA ILE F 35 0.91 2.88 18.78
C ILE F 35 1.29 3.72 17.57
N LEU F 36 1.49 3.05 16.44
CA LEU F 36 1.83 3.75 15.22
C LEU F 36 0.82 4.87 15.02
N ARG F 37 -0.46 4.48 14.93
CA ARG F 37 -1.56 5.41 14.72
C ARG F 37 -1.49 6.58 15.67
N SER F 38 -1.37 6.28 16.95
CA SER F 38 -1.30 7.30 17.97
C SER F 38 -0.11 8.24 17.71
N ALA F 39 1.04 7.89 18.28
CA ALA F 39 2.23 8.71 18.13
C ALA F 39 2.40 9.27 16.72
N LEU F 40 2.12 8.46 15.72
CA LEU F 40 2.28 8.92 14.36
C LEU F 40 1.40 10.14 14.16
N ALA F 41 0.10 9.97 14.36
CA ALA F 41 -0.82 11.09 14.20
C ALA F 41 -0.37 12.28 15.06
N GLN F 42 0.06 12.00 16.29
CA GLN F 42 0.51 13.04 17.22
C GLN F 42 1.90 13.56 16.87
N GLU F 43 2.05 14.10 15.66
CA GLU F 43 3.31 14.64 15.16
C GLU F 43 3.47 16.15 15.40
N ALA F 44 4.47 16.74 14.75
CA ALA F 44 4.76 18.17 14.87
C ALA F 44 6.00 18.52 14.04
N THR F 45 5.79 18.78 12.73
CA THR F 45 6.89 19.10 11.81
C THR F 45 7.29 20.59 11.87
N GLN F 46 8.38 20.94 11.17
CA GLN F 46 8.89 22.30 11.12
C GLN F 46 8.84 22.88 9.70
N GLN F 47 8.36 24.12 9.58
CA GLN F 47 8.24 24.78 8.30
C GLN F 47 9.50 25.58 7.92
N HIS F 48 9.88 25.48 6.65
CA HIS F 48 11.06 26.19 6.10
C HIS F 48 10.90 27.71 6.15
N GLY F 49 11.10 28.31 7.32
CA GLY F 49 10.98 29.75 7.43
C GLY F 49 11.49 30.27 8.75
N THR F 50 10.77 29.93 9.83
CA THR F 50 11.15 30.38 11.17
C THR F 50 12.55 29.94 11.54
N GLN F 51 13.37 30.87 12.00
CA GLN F 51 14.72 30.51 12.41
C GLN F 51 14.67 30.44 13.93
N GLY F 52 15.70 29.87 14.53
CA GLY F 52 15.74 29.77 15.98
C GLY F 52 16.84 28.88 16.48
N PHE F 53 16.59 28.23 17.61
CA PHE F 53 17.54 27.31 18.20
C PHE F 53 16.84 25.99 18.40
N ALA F 54 17.61 24.91 18.39
CA ALA F 54 17.08 23.56 18.55
C ALA F 54 17.96 22.74 19.47
N VAL F 55 17.41 21.65 20.01
CA VAL F 55 18.13 20.76 20.90
C VAL F 55 17.96 19.26 20.54
N LEU F 56 18.80 18.80 19.61
CA LEU F 56 18.79 17.42 19.13
C LEU F 56 19.55 16.52 20.10
N SER F 57 18.90 15.49 20.61
CA SER F 57 19.58 14.61 21.56
C SER F 57 19.31 13.14 21.29
N TYR F 58 20.38 12.35 21.29
CA TYR F 58 20.25 10.94 20.99
C TYR F 58 21.33 10.08 21.62
N VAL F 59 21.22 8.79 21.35
CA VAL F 59 22.15 7.79 21.84
C VAL F 59 22.56 6.98 20.62
N TYR F 60 23.74 6.38 20.66
CA TYR F 60 24.16 5.60 19.51
C TYR F 60 25.45 4.84 19.75
N GLU F 61 25.51 3.60 19.29
CA GLU F 61 26.70 2.79 19.42
C GLU F 61 27.70 3.45 18.49
N HIS F 62 28.89 3.79 18.98
CA HIS F 62 29.87 4.48 18.15
C HIS F 62 30.61 3.55 17.21
N GLU F 63 30.54 2.25 17.49
CA GLU F 63 31.21 1.29 16.64
C GLU F 63 30.29 0.78 15.52
N LYS F 64 28.98 0.91 15.70
CA LYS F 64 28.01 0.50 14.69
C LYS F 64 28.00 1.47 13.54
N ARG F 65 27.86 0.95 12.32
CA ARG F 65 27.79 1.75 11.10
C ARG F 65 28.77 2.93 11.04
N ASP F 66 29.92 2.84 11.71
CA ASP F 66 30.87 3.95 11.68
C ASP F 66 30.21 5.24 12.14
N LEU F 67 29.09 5.12 12.85
CA LEU F 67 28.35 6.28 13.34
C LEU F 67 29.22 7.42 13.84
N ALA F 68 30.08 7.13 14.81
CA ALA F 68 30.97 8.12 15.40
C ALA F 68 31.52 9.10 14.37
N SER F 69 32.14 8.59 13.31
CA SER F 69 32.72 9.46 12.29
C SER F 69 31.71 9.95 11.27
N ARG F 70 30.66 9.17 11.04
CA ARG F 70 29.67 9.61 10.07
C ARG F 70 28.94 10.79 10.68
N ILE F 71 28.26 10.56 11.81
CA ILE F 71 27.55 11.63 12.50
C ILE F 71 28.33 12.95 12.40
N VAL F 72 29.60 12.88 12.79
CA VAL F 72 30.46 14.05 12.73
C VAL F 72 30.45 14.57 11.30
N SER F 73 30.85 13.71 10.36
CA SER F 73 30.87 14.08 8.95
C SER F 73 29.60 14.84 8.53
N THR F 74 28.43 14.22 8.73
CA THR F 74 27.19 14.89 8.35
C THR F 74 27.12 16.25 9.00
N GLN F 75 27.33 16.34 10.32
CA GLN F 75 27.25 17.64 10.97
C GLN F 75 28.17 18.66 10.32
N HIS F 76 29.36 18.23 9.93
CA HIS F 76 30.30 19.15 9.30
C HIS F 76 29.82 19.55 7.93
N HIS F 77 28.80 18.85 7.46
CA HIS F 77 28.20 19.14 6.16
C HIS F 77 27.27 20.33 6.36
N HIS F 78 26.55 20.33 7.48
CA HIS F 78 25.63 21.40 7.84
C HIS F 78 26.31 22.13 9.00
N HIS F 79 27.64 22.15 9.01
CA HIS F 79 28.39 22.76 10.10
C HIS F 79 28.06 24.21 10.43
N ASP F 80 27.06 24.74 9.73
CA ASP F 80 26.61 26.13 9.94
C ASP F 80 25.36 26.15 10.84
N LEU F 81 24.67 25.01 10.92
CA LEU F 81 23.48 24.94 11.74
C LEU F 81 23.88 24.45 13.12
N SER F 82 25.14 24.03 13.26
CA SER F 82 25.65 23.52 14.53
C SER F 82 26.40 24.53 15.36
N VAL F 83 25.95 24.73 16.58
CA VAL F 83 26.58 25.67 17.51
C VAL F 83 27.68 24.92 18.21
N ALA F 84 27.28 23.85 18.90
CA ALA F 84 28.21 23.00 19.63
C ALA F 84 27.49 21.71 20.00
N THR F 85 28.25 20.66 20.24
CA THR F 85 27.67 19.38 20.58
C THR F 85 28.31 18.84 21.86
N LEU F 86 27.48 18.35 22.77
CA LEU F 86 27.97 17.81 24.02
C LEU F 86 27.86 16.31 23.99
N HIS F 87 28.98 15.62 24.18
CA HIS F 87 29.01 14.15 24.15
C HIS F 87 29.26 13.64 25.56
N VAL F 88 28.74 12.45 25.84
CA VAL F 88 28.89 11.81 27.16
C VAL F 88 28.97 10.29 27.02
N HIS F 89 30.14 9.73 27.34
CA HIS F 89 30.33 8.29 27.23
C HIS F 89 29.73 7.57 28.43
N ILE F 90 28.60 6.91 28.18
CA ILE F 90 27.86 6.17 29.19
C ILE F 90 28.38 4.77 29.41
N ASN F 91 29.13 4.25 28.45
CA ASN F 91 29.69 2.91 28.55
C ASN F 91 30.60 2.60 27.36
N HIS F 92 31.33 1.50 27.43
CA HIS F 92 32.23 1.15 26.34
C HIS F 92 31.58 1.26 24.94
N ASP F 93 30.32 0.84 24.82
CA ASP F 93 29.62 0.84 23.53
C ASP F 93 28.71 2.01 23.13
N ASP F 94 27.96 2.56 24.08
CA ASP F 94 27.02 3.64 23.80
C ASP F 94 27.42 5.07 24.14
N CYS F 95 26.88 6.00 23.37
CA CYS F 95 27.16 7.42 23.53
C CYS F 95 25.86 8.23 23.55
N LEU F 96 25.87 9.31 24.33
CA LEU F 96 24.74 10.19 24.44
C LEU F 96 25.23 11.54 23.93
N GLU F 97 24.74 11.97 22.77
CA GLU F 97 25.14 13.25 22.21
C GLU F 97 23.97 14.21 22.29
N ILE F 98 24.31 15.48 22.46
CA ILE F 98 23.34 16.56 22.56
C ILE F 98 23.85 17.68 21.69
N ALA F 99 23.22 17.85 20.54
CA ALA F 99 23.66 18.88 19.63
C ALA F 99 22.72 20.05 19.76
N VAL F 100 23.31 21.24 19.87
CA VAL F 100 22.55 22.47 19.95
C VAL F 100 22.60 23.04 18.55
N LEU F 101 21.45 23.14 17.91
CA LEU F 101 21.37 23.65 16.55
C LEU F 101 20.82 25.07 16.51
N LYS F 102 21.13 25.79 15.43
CA LYS F 102 20.68 27.17 15.25
C LYS F 102 20.49 27.53 13.78
N GLY F 103 19.34 28.11 13.45
CA GLY F 103 19.04 28.49 12.08
C GLY F 103 17.60 28.19 11.66
N ASP F 104 17.37 28.15 10.35
CA ASP F 104 16.05 27.89 9.80
C ASP F 104 15.45 26.58 10.33
N MSE F 105 14.51 26.69 11.25
CA MSE F 105 13.85 25.55 11.85
C MSE F 105 13.56 24.43 10.86
O MSE F 105 13.44 23.27 11.26
CB MSE F 105 12.56 25.97 12.52
CG MSE F 105 12.74 26.98 13.64
SE MSE F 105 13.91 26.35 15.02
CE MSE F 105 13.01 24.67 15.35
N GLY F 106 13.47 24.76 9.58
CA GLY F 106 13.19 23.73 8.59
C GLY F 106 14.40 22.85 8.32
N ASP F 107 15.53 23.51 8.10
CA ASP F 107 16.77 22.80 7.83
C ASP F 107 17.10 21.99 9.06
N VAL F 108 17.07 22.63 10.23
CA VAL F 108 17.34 21.94 11.48
C VAL F 108 16.60 20.62 11.46
N GLN F 109 15.27 20.70 11.37
CA GLN F 109 14.40 19.52 11.32
C GLN F 109 14.95 18.48 10.34
N HIS F 110 15.31 18.94 9.14
CA HIS F 110 15.85 18.03 8.16
C HIS F 110 17.08 17.36 8.78
N PHE F 111 18.10 18.17 8.99
CA PHE F 111 19.35 17.73 9.59
C PHE F 111 19.11 16.73 10.72
N ALA F 112 18.30 17.11 11.71
CA ALA F 112 18.01 16.24 12.85
C ALA F 112 17.59 14.85 12.36
N ASP F 113 16.80 14.81 11.29
CA ASP F 113 16.39 13.52 10.75
C ASP F 113 17.62 12.77 10.23
N ASP F 114 18.52 13.48 9.57
CA ASP F 114 19.75 12.88 9.03
C ASP F 114 20.61 12.31 10.15
N VAL F 115 20.06 12.30 11.36
CA VAL F 115 20.80 11.77 12.48
C VAL F 115 19.93 10.73 13.18
N ILE F 116 18.66 11.07 13.42
CA ILE F 116 17.81 10.14 14.09
C ILE F 116 17.46 8.88 13.30
N ALA F 117 17.29 8.99 11.98
CA ALA F 117 16.92 7.84 11.16
C ALA F 117 17.95 6.68 11.16
N GLN F 118 19.21 7.04 11.26
CA GLN F 118 20.31 6.08 11.27
C GLN F 118 20.03 4.81 12.10
N ARG F 119 20.22 3.64 11.49
CA ARG F 119 20.08 2.41 12.27
C ARG F 119 21.26 2.58 13.25
N GLY F 120 21.02 2.44 14.54
CA GLY F 120 22.12 2.60 15.47
C GLY F 120 22.06 3.87 16.28
N VAL F 121 20.99 4.61 16.11
CA VAL F 121 20.80 5.82 16.86
C VAL F 121 19.43 5.73 17.45
N ARG F 122 19.37 5.31 18.72
CA ARG F 122 18.12 5.14 19.42
C ARG F 122 17.66 6.41 20.13
N HIS F 123 16.45 6.36 20.68
CA HIS F 123 15.82 7.46 21.41
C HIS F 123 16.07 8.86 20.85
N GLY F 124 16.21 8.96 19.52
CA GLY F 124 16.43 10.28 18.94
C GLY F 124 15.29 11.22 19.30
N HIS F 125 15.59 12.51 19.50
CA HIS F 125 14.56 13.48 19.86
C HIS F 125 14.92 14.94 19.58
N LEU F 126 14.01 15.67 18.94
CA LEU F 126 14.28 17.07 18.65
C LEU F 126 13.33 17.92 19.46
N GLN F 127 13.85 19.02 19.99
CA GLN F 127 13.05 19.97 20.77
C GLN F 127 13.37 21.31 20.15
N CYS F 128 12.33 22.03 19.74
CA CYS F 128 12.52 23.33 19.11
C CYS F 128 12.18 24.51 20.01
N LEU F 129 12.94 25.59 19.83
CA LEU F 129 12.73 26.82 20.60
C LEU F 129 12.96 27.96 19.61
N PRO F 130 11.96 28.23 18.75
CA PRO F 130 12.02 29.29 17.74
C PRO F 130 12.11 30.70 18.33
N LYS F 131 12.19 31.70 17.46
CA LYS F 131 12.29 33.10 17.89
C LYS F 131 10.93 33.80 17.90
N MSE G 1 54.32 17.40 0.03
CA MSE G 1 54.38 18.71 0.74
C MSE G 1 55.79 19.29 0.81
O MSE G 1 56.25 19.92 -0.15
CB MSE G 1 53.79 18.57 2.15
CG MSE G 1 54.32 17.38 2.92
SE MSE G 1 53.27 16.99 4.49
CE MSE G 1 54.65 17.07 5.83
N GLN G 2 56.46 19.11 1.93
CA GLN G 2 57.83 19.62 2.08
C GLN G 2 58.60 18.84 3.12
N ARG G 3 59.89 18.70 2.89
CA ARG G 3 60.75 17.94 3.77
C ARG G 3 62.06 18.70 3.94
N VAL G 4 62.45 18.94 5.19
CA VAL G 4 63.67 19.70 5.44
C VAL G 4 64.59 19.09 6.48
N THR G 5 65.87 19.40 6.34
CA THR G 5 66.86 18.92 7.26
C THR G 5 67.46 20.09 7.98
N ILE G 6 67.59 19.94 9.30
CA ILE G 6 68.15 20.99 10.12
C ILE G 6 69.25 20.33 10.91
N THR G 7 70.02 21.12 11.63
CA THR G 7 71.09 20.58 12.43
C THR G 7 71.03 21.16 13.82
N LEU G 8 71.03 20.26 14.81
CA LEU G 8 70.98 20.69 16.20
C LEU G 8 72.01 19.95 17.04
N ASP G 9 72.54 20.67 18.03
CA ASP G 9 73.55 20.14 18.93
C ASP G 9 73.14 18.87 19.63
N ASP G 10 74.06 17.91 19.58
CA ASP G 10 73.87 16.60 20.19
C ASP G 10 73.11 16.72 21.49
N ASP G 11 73.43 17.75 22.26
CA ASP G 11 72.79 18.00 23.55
C ASP G 11 71.27 18.11 23.40
N LEU G 12 70.83 19.16 22.72
CA LEU G 12 69.41 19.42 22.53
C LEU G 12 68.64 18.20 22.02
N LEU G 13 69.09 17.62 20.91
CA LEU G 13 68.42 16.45 20.34
C LEU G 13 68.10 15.40 21.39
N GLU G 14 69.05 15.13 22.26
CA GLU G 14 68.82 14.15 23.31
C GLU G 14 67.60 14.62 24.11
N THR G 15 67.60 15.90 24.51
CA THR G 15 66.49 16.45 25.30
C THR G 15 65.17 16.29 24.55
N LEU G 16 65.22 16.48 23.24
CA LEU G 16 64.02 16.37 22.41
C LEU G 16 63.56 14.92 22.41
N ASP G 17 64.44 14.02 22.01
CA ASP G 17 64.06 12.62 21.95
C ASP G 17 63.53 12.06 23.27
N SER G 18 64.00 12.59 24.39
CA SER G 18 63.49 12.13 25.68
C SER G 18 61.99 12.38 25.62
N LEU G 19 61.64 13.61 25.27
CA LEU G 19 60.25 14.00 25.16
C LEU G 19 59.49 13.09 24.20
N SER G 20 60.09 12.78 23.05
CA SER G 20 59.41 11.93 22.08
C SER G 20 58.88 10.67 22.73
N GLN G 21 59.75 9.87 23.34
CA GLN G 21 59.30 8.64 23.99
C GLN G 21 58.57 8.92 25.30
N ARG G 22 59.21 9.69 26.18
CA ARG G 22 58.64 10.01 27.47
C ARG G 22 57.16 10.40 27.44
N ARG G 23 56.79 11.34 26.58
CA ARG G 23 55.41 11.75 26.53
C ARG G 23 54.64 11.53 25.24
N GLY G 24 54.46 10.27 24.87
CA GLY G 24 53.66 9.97 23.68
C GLY G 24 54.26 9.74 22.31
N TYR G 25 54.34 10.80 21.51
CA TYR G 25 54.85 10.67 20.14
C TYR G 25 56.11 9.83 20.04
N ASN G 26 56.00 8.61 19.56
CA ASN G 26 57.22 7.84 19.38
C ASN G 26 57.64 8.19 17.97
N ASN G 27 57.48 9.48 17.69
CA ASN G 27 57.79 10.09 16.42
C ASN G 27 58.44 11.44 16.69
N ARG G 28 59.70 11.58 16.29
CA ARG G 28 60.43 12.83 16.48
C ARG G 28 59.78 13.96 15.68
N SER G 29 59.48 13.70 14.41
CA SER G 29 58.84 14.70 13.55
C SER G 29 57.65 15.37 14.24
N GLU G 30 56.66 14.61 14.64
CA GLU G 30 55.51 15.21 15.29
C GLU G 30 55.95 16.03 16.50
N ALA G 31 56.63 15.40 17.44
CA ALA G 31 57.09 16.13 18.62
C ALA G 31 57.45 17.56 18.25
N ILE G 32 58.37 17.67 17.29
CA ILE G 32 58.84 18.96 16.80
C ILE G 32 57.69 19.81 16.31
N ARG G 33 56.97 19.28 15.32
CA ARG G 33 55.85 20.01 14.74
C ARG G 33 54.95 20.59 15.80
N ASP G 34 54.44 19.74 16.71
CA ASP G 34 53.58 20.22 17.78
C ASP G 34 54.26 21.38 18.51
N ILE G 35 55.57 21.28 18.75
CA ILE G 35 56.29 22.36 19.42
C ILE G 35 56.48 23.56 18.48
N LEU G 36 56.49 23.29 17.18
CA LEU G 36 56.63 24.34 16.19
C LEU G 36 55.31 25.10 16.09
N ARG G 37 54.19 24.37 16.03
CA ARG G 37 52.89 25.00 15.92
C ARG G 37 52.55 25.76 17.18
N SER G 38 53.12 25.35 18.32
CA SER G 38 52.85 26.08 19.57
C SER G 38 53.41 27.45 19.34
N ALA G 39 54.66 27.47 18.92
CA ALA G 39 55.38 28.69 18.64
C ALA G 39 54.60 29.60 17.70
N LEU G 40 54.40 29.17 16.47
CA LEU G 40 53.69 30.04 15.54
C LEU G 40 52.44 30.65 16.15
N ALA G 41 51.59 29.80 16.74
CA ALA G 41 50.37 30.26 17.39
C ALA G 41 50.62 31.36 18.45
N GLN G 42 51.45 31.11 19.45
CA GLN G 42 51.71 32.14 20.45
C GLN G 42 51.95 33.45 19.72
N GLU G 43 53.03 33.51 18.92
CA GLU G 43 53.37 34.72 18.18
C GLU G 43 52.49 34.93 16.97
N ALA G 44 51.19 34.76 17.21
CA ALA G 44 50.14 34.93 16.21
C ALA G 44 48.90 35.40 17.00
N THR G 45 48.69 34.82 18.17
CA THR G 45 47.57 35.17 19.06
C THR G 45 47.88 36.53 19.67
N GLN G 46 49.18 36.82 19.81
CA GLN G 46 49.65 38.10 20.34
C GLN G 46 50.25 38.85 19.15
N GLN G 47 49.40 39.09 18.16
CA GLN G 47 49.77 39.79 16.93
C GLN G 47 48.50 40.44 16.38
N HIS G 48 48.57 41.72 16.02
CA HIS G 48 47.41 42.46 15.52
C HIS G 48 46.85 41.94 14.18
N GLY G 49 45.54 41.68 14.17
CA GLY G 49 44.87 41.19 12.97
C GLY G 49 44.28 39.79 13.10
N THR G 50 44.96 38.94 13.88
CA THR G 50 44.54 37.56 14.09
C THR G 50 43.18 37.36 14.74
N GLN G 51 42.41 36.44 14.18
CA GLN G 51 41.08 36.09 14.67
C GLN G 51 41.11 34.57 14.87
N GLY G 52 40.14 34.02 15.58
CA GLY G 52 40.16 32.58 15.78
C GLY G 52 39.22 32.04 16.85
N PHE G 53 39.73 31.11 17.65
CA PHE G 53 38.97 30.49 18.73
C PHE G 53 39.77 30.56 20.03
N ALA G 54 39.16 30.11 21.13
CA ALA G 54 39.85 30.14 22.40
C ALA G 54 39.06 29.41 23.45
N VAL G 55 39.79 28.80 24.40
CA VAL G 55 39.18 28.04 25.48
C VAL G 55 39.51 28.61 26.87
N LEU G 56 38.57 29.36 27.42
CA LEU G 56 38.75 29.99 28.72
C LEU G 56 38.20 29.14 29.87
N SER G 57 39.10 28.53 30.65
CA SER G 57 38.67 27.69 31.77
C SER G 57 38.92 28.32 33.13
N TYR G 58 37.99 28.14 34.06
CA TYR G 58 38.15 28.68 35.40
C TYR G 58 37.27 28.00 36.44
N VAL G 59 37.56 28.26 37.72
CA VAL G 59 36.80 27.70 38.82
C VAL G 59 36.28 28.84 39.66
N TYR G 60 35.27 28.57 40.50
CA TYR G 60 34.71 29.59 41.37
C TYR G 60 33.57 28.95 42.17
N GLU G 61 33.21 29.56 43.28
CA GLU G 61 32.14 29.02 44.13
C GLU G 61 30.77 29.67 43.85
N HIS G 62 29.73 28.85 43.87
CA HIS G 62 28.35 29.29 43.63
C HIS G 62 27.74 29.87 44.91
N GLU G 63 28.56 29.95 45.96
CA GLU G 63 28.15 30.46 47.27
C GLU G 63 28.23 31.99 47.45
N LYS G 64 28.94 32.68 46.54
CA LYS G 64 29.06 34.14 46.61
C LYS G 64 28.01 34.78 45.70
N ARG G 65 27.19 35.66 46.27
CA ARG G 65 26.12 36.32 45.52
C ARG G 65 26.65 37.16 44.36
N ASP G 66 27.81 37.78 44.55
CA ASP G 66 28.42 38.62 43.52
C ASP G 66 29.51 37.89 42.72
N LEU G 67 29.32 36.58 42.53
CA LEU G 67 30.28 35.76 41.78
C LEU G 67 29.59 35.00 40.63
N ALA G 68 28.72 34.07 40.99
CA ALA G 68 28.00 33.27 39.99
C ALA G 68 27.12 34.13 39.08
N SER G 69 26.54 35.18 39.66
CA SER G 69 25.65 36.07 38.93
C SER G 69 26.33 36.91 37.85
N ARG G 70 27.41 37.58 38.23
CA ARG G 70 28.15 38.44 37.31
C ARG G 70 28.69 37.70 36.09
N ILE G 71 29.49 36.68 36.33
CA ILE G 71 30.08 35.86 35.26
C ILE G 71 29.19 35.80 34.02
N VAL G 72 28.02 35.22 34.19
CA VAL G 72 27.05 35.06 33.11
C VAL G 72 26.70 36.41 32.50
N SER G 73 26.54 37.41 33.34
CA SER G 73 26.20 38.74 32.83
C SER G 73 27.32 39.27 31.94
N THR G 74 28.48 39.49 32.56
CA THR G 74 29.66 40.02 31.86
C THR G 74 30.02 39.16 30.67
N GLN G 75 29.41 37.99 30.59
CA GLN G 75 29.66 37.09 29.47
C GLN G 75 28.65 37.44 28.39
N HIS G 76 27.38 37.59 28.78
CA HIS G 76 26.35 37.95 27.81
C HIS G 76 26.77 39.29 27.26
N HIS G 77 27.50 40.03 28.09
CA HIS G 77 28.03 41.34 27.73
C HIS G 77 28.59 41.24 26.32
N HIS G 78 29.46 40.27 26.09
CA HIS G 78 30.05 40.05 24.78
C HIS G 78 29.61 38.69 24.30
N HIS G 79 28.29 38.49 24.26
CA HIS G 79 27.70 37.24 23.83
C HIS G 79 28.00 36.91 22.36
N ASP G 80 28.70 37.81 21.68
CA ASP G 80 29.05 37.58 20.27
C ASP G 80 30.40 36.85 20.20
N LEU G 81 31.02 36.63 21.35
CA LEU G 81 32.30 35.95 21.44
C LEU G 81 32.10 34.59 22.05
N SER G 82 31.03 34.43 22.81
CA SER G 82 30.77 33.16 23.46
C SER G 82 30.05 32.20 22.53
N VAL G 83 30.69 31.06 22.27
CA VAL G 83 30.14 30.01 21.41
C VAL G 83 29.25 29.20 22.31
N ALA G 84 29.79 28.86 23.47
CA ALA G 84 29.03 28.09 24.42
C ALA G 84 29.88 27.98 25.66
N THR G 85 29.30 27.37 26.68
CA THR G 85 29.98 27.24 27.96
C THR G 85 29.55 26.04 28.76
N LEU G 86 30.45 25.08 28.87
CA LEU G 86 30.21 23.86 29.63
C LEU G 86 30.45 24.16 31.10
N HIS G 87 29.58 23.67 31.97
CA HIS G 87 29.74 23.95 33.39
C HIS G 87 29.52 22.71 34.21
N VAL G 88 30.41 22.48 35.15
CA VAL G 88 30.35 21.32 36.03
C VAL G 88 30.21 21.69 37.50
N HIS G 89 29.37 20.96 38.22
CA HIS G 89 29.19 21.23 39.64
C HIS G 89 30.05 20.23 40.35
N ILE G 90 31.36 20.46 40.32
CA ILE G 90 32.34 19.58 40.94
C ILE G 90 31.91 19.10 42.34
N ASN G 91 31.67 20.05 43.24
CA ASN G 91 31.22 19.69 44.59
C ASN G 91 29.92 20.43 44.93
N HIS G 92 29.65 20.62 46.21
CA HIS G 92 28.41 21.29 46.62
C HIS G 92 28.36 22.79 46.30
N ASP G 93 29.47 23.50 46.52
CA ASP G 93 29.51 24.93 46.28
C ASP G 93 30.55 25.42 45.26
N ASP G 94 31.27 24.49 44.62
CA ASP G 94 32.29 24.84 43.63
C ASP G 94 31.87 24.52 42.19
N CYS G 95 32.26 25.40 41.28
CA CYS G 95 31.94 25.25 39.87
C CYS G 95 33.17 25.30 38.98
N LEU G 96 33.19 24.41 37.99
CA LEU G 96 34.27 24.36 37.01
C LEU G 96 33.62 24.83 35.72
N GLU G 97 34.00 25.99 35.24
CA GLU G 97 33.37 26.49 34.03
C GLU G 97 34.39 26.60 32.92
N ILE G 98 34.03 26.05 31.76
CA ILE G 98 34.85 26.09 30.56
C ILE G 98 34.04 26.84 29.53
N ALA G 99 34.62 27.87 28.93
CA ALA G 99 33.89 28.64 27.93
C ALA G 99 34.66 28.73 26.65
N VAL G 100 34.04 28.29 25.56
CA VAL G 100 34.67 28.36 24.26
C VAL G 100 34.31 29.72 23.69
N LEU G 101 35.28 30.41 23.10
CA LEU G 101 35.05 31.73 22.53
C LEU G 101 35.53 31.80 21.07
N LYS G 102 35.00 32.77 20.34
CA LYS G 102 35.34 32.97 18.94
C LYS G 102 35.31 34.44 18.52
N GLY G 103 36.39 34.91 17.88
CA GLY G 103 36.48 36.29 17.43
C GLY G 103 37.93 36.78 17.28
N ASP G 104 38.15 38.08 17.32
CA ASP G 104 39.51 38.61 17.21
C ASP G 104 40.24 38.35 18.51
N MSE G 105 41.35 37.63 18.40
CA MSE G 105 42.14 37.27 19.55
C MSE G 105 42.26 38.42 20.51
O MSE G 105 42.27 38.23 21.73
CB MSE G 105 43.52 36.79 19.10
CG MSE G 105 43.47 35.48 18.30
SE MSE G 105 42.67 33.98 19.25
CE MSE G 105 40.91 34.08 18.54
N GLY G 106 42.32 39.64 19.99
CA GLY G 106 42.41 40.79 20.86
C GLY G 106 41.28 40.81 21.86
N ASP G 107 40.10 41.20 21.39
CA ASP G 107 38.91 41.27 22.22
C ASP G 107 38.83 40.05 23.12
N VAL G 108 39.04 38.89 22.52
CA VAL G 108 38.97 37.68 23.30
C VAL G 108 39.81 37.76 24.56
N GLN G 109 41.06 38.17 24.42
CA GLN G 109 41.93 38.29 25.59
C GLN G 109 41.20 39.23 26.53
N HIS G 110 40.85 40.41 26.03
CA HIS G 110 40.13 41.38 26.83
C HIS G 110 39.03 40.67 27.60
N PHE G 111 38.14 40.03 26.85
CA PHE G 111 37.01 39.30 27.42
C PHE G 111 37.42 38.32 28.53
N ALA G 112 38.56 37.68 28.37
CA ALA G 112 39.02 36.73 29.36
C ALA G 112 39.32 37.47 30.66
N ASP G 113 40.09 38.54 30.54
CA ASP G 113 40.46 39.35 31.70
C ASP G 113 39.25 39.74 32.54
N ASP G 114 38.27 40.37 31.89
CA ASP G 114 37.05 40.81 32.53
C ASP G 114 36.24 39.64 33.09
N VAL G 115 36.90 38.51 33.26
CA VAL G 115 36.25 37.33 33.80
C VAL G 115 37.10 36.73 34.91
N ILE G 116 38.41 36.77 34.74
CA ILE G 116 39.31 36.21 35.74
C ILE G 116 39.38 37.16 36.94
N ALA G 117 39.03 38.42 36.69
CA ALA G 117 39.04 39.46 37.72
C ALA G 117 38.02 39.15 38.81
N GLN G 118 36.75 39.40 38.51
CA GLN G 118 35.64 39.15 39.44
C GLN G 118 36.06 38.22 40.57
N ARG G 119 36.51 38.83 41.68
CA ARG G 119 36.97 38.10 42.88
C ARG G 119 36.21 36.81 43.11
N GLY G 120 36.97 35.72 43.22
CA GLY G 120 36.36 34.41 43.44
C GLY G 120 36.64 33.46 42.29
N VAL G 121 37.26 34.00 41.23
CA VAL G 121 37.62 33.22 40.06
C VAL G 121 39.07 32.81 40.23
N ARG G 122 39.28 31.54 40.55
CA ARG G 122 40.62 31.02 40.74
C ARG G 122 41.04 30.17 39.55
N HIS G 123 42.35 29.98 39.41
CA HIS G 123 42.93 29.18 38.34
C HIS G 123 42.49 29.54 36.93
N GLY G 124 42.12 30.79 36.74
CA GLY G 124 41.70 31.23 35.42
C GLY G 124 42.79 30.97 34.38
N HIS G 125 42.41 30.43 33.23
CA HIS G 125 43.38 30.15 32.17
C HIS G 125 42.81 30.29 30.77
N LEU G 126 43.54 31.01 29.92
CA LEU G 126 43.13 31.21 28.54
C LEU G 126 44.06 30.42 27.63
N GLN G 127 43.49 29.87 26.57
CA GLN G 127 44.24 29.06 25.61
C GLN G 127 43.75 29.49 24.23
N CYS G 128 44.60 30.20 23.50
CA CYS G 128 44.21 30.67 22.17
C CYS G 128 44.42 29.65 21.06
N LEU G 129 43.61 29.75 20.01
CA LEU G 129 43.68 28.83 18.87
C LEU G 129 43.32 29.56 17.60
N PRO G 130 44.26 30.37 17.08
CA PRO G 130 44.21 31.21 15.88
C PRO G 130 43.62 30.50 14.67
N LYS G 131 43.88 31.06 13.49
CA LYS G 131 43.37 30.48 12.23
C LYS G 131 44.48 30.26 11.20
N MSE H 1 77.56 18.27 15.49
CA MSE H 1 76.13 18.18 15.89
C MSE H 1 75.46 17.07 15.06
O MSE H 1 76.10 16.43 14.22
CB MSE H 1 75.43 19.50 15.62
CG MSE H 1 76.26 20.73 15.94
SE MSE H 1 75.40 22.36 15.38
CE MSE H 1 75.08 23.16 17.12
N GLN H 2 74.17 16.85 15.30
CA GLN H 2 73.45 15.82 14.56
C GLN H 2 72.48 16.36 13.50
N ARG H 3 72.33 15.59 12.45
CA ARG H 3 71.42 15.92 11.36
C ARG H 3 70.06 15.35 11.74
N VAL H 4 68.99 15.93 11.20
CA VAL H 4 67.63 15.47 11.47
C VAL H 4 66.76 15.99 10.35
N THR H 5 65.89 15.13 9.86
CA THR H 5 65.03 15.52 8.77
C THR H 5 63.61 15.49 9.24
N ILE H 6 62.94 16.61 9.21
CA ILE H 6 61.57 16.60 9.64
C ILE H 6 60.74 16.86 8.40
N THR H 7 59.46 16.51 8.46
CA THR H 7 58.56 16.67 7.32
C THR H 7 57.48 17.66 7.72
N LEU H 8 57.32 18.73 6.93
CA LEU H 8 56.33 19.75 7.27
C LEU H 8 55.34 20.04 6.17
N ASP H 9 54.15 20.47 6.56
CA ASP H 9 53.15 20.85 5.57
C ASP H 9 53.71 22.11 4.91
N ASP H 10 53.37 22.34 3.65
CA ASP H 10 53.88 23.53 2.99
C ASP H 10 53.58 24.77 3.81
N ASP H 11 52.30 24.93 4.15
CA ASP H 11 51.90 26.09 4.93
C ASP H 11 52.73 26.21 6.18
N LEU H 12 52.78 25.16 6.98
CA LEU H 12 53.56 25.24 8.21
C LEU H 12 54.93 25.79 7.91
N LEU H 13 55.58 25.21 6.93
CA LEU H 13 56.93 25.63 6.56
C LEU H 13 57.05 27.11 6.27
N GLU H 14 56.21 27.62 5.37
CA GLU H 14 56.25 29.04 5.05
C GLU H 14 56.04 29.83 6.34
N THR H 15 54.89 29.63 6.96
CA THR H 15 54.60 30.31 8.19
C THR H 15 55.86 30.39 9.05
N LEU H 16 56.54 29.26 9.17
CA LEU H 16 57.74 29.18 9.99
C LEU H 16 58.93 29.98 9.49
N ASP H 17 59.29 29.77 8.22
CA ASP H 17 60.43 30.48 7.64
C ASP H 17 60.27 32.00 7.69
N SER H 18 59.22 32.50 7.04
CA SER H 18 58.99 33.93 7.05
C SER H 18 59.14 34.46 8.48
N LEU H 19 58.40 33.89 9.42
CA LEU H 19 58.47 34.33 10.80
C LEU H 19 59.88 34.25 11.34
N SER H 20 60.69 33.35 10.78
CA SER H 20 62.06 33.23 11.23
C SER H 20 62.87 34.34 10.59
N GLN H 21 62.44 34.77 9.41
CA GLN H 21 63.12 35.84 8.69
C GLN H 21 62.83 37.22 9.27
N ARG H 22 61.59 37.45 9.67
CA ARG H 22 61.20 38.72 10.25
C ARG H 22 61.82 38.89 11.63
N ARG H 23 62.46 37.83 12.13
CA ARG H 23 63.11 37.87 13.44
C ARG H 23 64.63 38.03 13.33
N GLY H 24 65.16 38.03 12.10
CA GLY H 24 66.60 38.18 11.92
C GLY H 24 67.38 36.89 11.81
N TYR H 25 66.67 35.78 11.60
CA TYR H 25 67.28 34.46 11.47
C TYR H 25 67.66 34.22 10.00
N ASN H 26 68.91 33.87 9.76
CA ASN H 26 69.38 33.61 8.39
C ASN H 26 69.39 32.11 8.06
N ASN H 27 69.32 31.28 9.11
CA ASN H 27 69.30 29.82 8.93
C ASN H 27 68.22 29.12 9.76
N ARG H 28 67.43 28.29 9.08
CA ARG H 28 66.36 27.58 9.73
C ARG H 28 66.84 26.87 10.97
N SER H 29 67.84 26.02 10.77
CA SER H 29 68.38 25.26 11.87
C SER H 29 68.53 26.03 13.18
N GLU H 30 68.98 27.27 13.09
CA GLU H 30 69.12 28.07 14.30
C GLU H 30 67.71 28.34 14.77
N ALA H 31 66.94 28.99 13.92
CA ALA H 31 65.56 29.33 14.20
C ALA H 31 64.85 28.23 15.02
N ILE H 32 64.73 27.06 14.41
CA ILE H 32 64.08 25.90 15.00
C ILE H 32 64.73 25.46 16.29
N ARG H 33 66.05 25.55 16.33
CA ARG H 33 66.83 25.17 17.50
C ARG H 33 66.39 26.02 18.68
N ASP H 34 66.23 27.31 18.44
CA ASP H 34 65.83 28.23 19.51
C ASP H 34 64.46 27.94 20.06
N ILE H 35 63.55 27.51 19.19
CA ILE H 35 62.21 27.22 19.65
C ILE H 35 62.16 25.92 20.42
N LEU H 36 62.75 24.88 19.86
CA LEU H 36 62.78 23.59 20.53
C LEU H 36 63.32 23.80 21.93
N ARG H 37 64.52 24.38 21.99
CA ARG H 37 65.22 24.65 23.25
C ARG H 37 64.34 25.40 24.22
N SER H 38 63.74 26.48 23.73
CA SER H 38 62.87 27.28 24.58
C SER H 38 61.73 26.43 25.10
N ALA H 39 60.67 26.32 24.31
CA ALA H 39 59.50 25.55 24.72
C ALA H 39 59.88 24.24 25.42
N LEU H 40 60.97 23.61 25.03
CA LEU H 40 61.36 22.35 25.65
C LEU H 40 61.71 22.57 27.11
N ALA H 41 62.56 23.56 27.38
CA ALA H 41 63.00 23.88 28.75
C ALA H 41 61.82 24.23 29.66
N GLN H 42 61.01 25.21 29.26
CA GLN H 42 59.85 25.60 30.05
C GLN H 42 58.80 24.49 29.94
N GLU H 43 59.00 23.41 30.68
CA GLU H 43 58.10 22.26 30.68
C GLU H 43 57.72 21.90 32.13
N ALA H 44 56.83 20.91 32.27
CA ALA H 44 56.37 20.43 33.57
C ALA H 44 55.22 19.46 33.35
N THR H 45 55.11 18.44 34.20
CA THR H 45 54.05 17.45 34.06
C THR H 45 53.33 17.20 35.39
N GLN H 46 52.28 16.38 35.35
CA GLN H 46 51.47 16.05 36.53
C GLN H 46 52.02 14.97 37.44
N GLN H 47 52.11 15.30 38.73
CA GLN H 47 52.59 14.35 39.72
C GLN H 47 51.53 13.26 39.84
N HIS H 48 51.96 12.01 39.82
CA HIS H 48 51.05 10.88 39.92
C HIS H 48 50.64 10.66 41.38
N GLY H 49 49.35 10.78 41.66
CA GLY H 49 48.86 10.59 43.01
C GLY H 49 47.58 11.34 43.33
N THR H 50 47.60 12.66 43.14
CA THR H 50 46.45 13.52 43.41
C THR H 50 45.28 13.23 42.46
N GLN H 51 44.07 13.50 42.93
CA GLN H 51 42.85 13.31 42.14
C GLN H 51 42.29 14.70 41.87
N GLY H 52 41.22 14.77 41.07
CA GLY H 52 40.63 16.06 40.77
C GLY H 52 40.03 16.17 39.38
N PHE H 53 40.18 17.35 38.77
CA PHE H 53 39.65 17.60 37.44
C PHE H 53 40.69 18.14 36.47
N ALA H 54 40.51 17.85 35.19
CA ALA H 54 41.42 18.30 34.16
C ALA H 54 40.63 18.73 32.93
N VAL H 55 41.17 19.67 32.17
CA VAL H 55 40.52 20.14 30.95
C VAL H 55 41.40 19.99 29.70
N LEU H 56 41.24 18.86 29.02
CA LEU H 56 41.98 18.52 27.81
C LEU H 56 41.34 19.11 26.55
N SER H 57 41.99 20.10 25.94
CA SER H 57 41.43 20.72 24.74
C SER H 57 42.32 20.52 23.53
N TYR H 58 41.73 20.44 22.34
CA TYR H 58 42.54 20.21 21.15
C TYR H 58 41.76 20.23 19.84
N VAL H 59 42.48 20.48 18.76
CA VAL H 59 41.91 20.54 17.43
C VAL H 59 42.35 19.31 16.66
N TYR H 60 41.63 18.95 15.61
CA TYR H 60 42.02 17.80 14.83
C TYR H 60 41.15 17.59 13.61
N GLU H 61 41.72 16.98 12.59
CA GLU H 61 40.98 16.72 11.38
C GLU H 61 40.26 15.39 11.61
N HIS H 62 38.93 15.41 11.55
CA HIS H 62 38.15 14.20 11.78
C HIS H 62 38.31 13.17 10.66
N GLU H 63 38.80 13.65 9.52
CA GLU H 63 39.02 12.80 8.34
C GLU H 63 40.33 12.00 8.44
N LYS H 64 41.42 12.67 8.82
CA LYS H 64 42.73 12.03 8.93
C LYS H 64 42.73 10.81 9.83
N ARG H 65 43.22 9.71 9.28
CA ARG H 65 43.32 8.41 9.94
C ARG H 65 42.19 8.16 10.91
N ASP H 66 40.98 8.04 10.34
CA ASP H 66 39.75 7.82 11.12
C ASP H 66 39.99 8.27 12.55
N LEU H 67 40.35 9.55 12.67
CA LEU H 67 40.66 10.15 13.94
C LEU H 67 39.41 10.29 14.79
N ALA H 68 38.35 10.77 14.16
CA ALA H 68 37.07 10.96 14.84
C ALA H 68 36.65 9.64 15.43
N SER H 69 36.43 8.66 14.58
CA SER H 69 36.01 7.34 15.01
C SER H 69 36.96 6.77 16.09
N ARG H 70 38.26 7.05 15.93
CA ARG H 70 39.28 6.57 16.86
C ARG H 70 39.30 7.31 18.20
N ILE H 71 39.35 8.63 18.16
CA ILE H 71 39.37 9.42 19.40
C ILE H 71 38.31 8.97 20.39
N VAL H 72 37.13 8.64 19.88
CA VAL H 72 36.02 8.19 20.72
C VAL H 72 36.39 6.89 21.44
N SER H 73 36.76 5.85 20.69
CA SER H 73 37.16 4.59 21.31
C SER H 73 38.21 4.89 22.36
N THR H 74 39.25 5.64 21.95
CA THR H 74 40.34 6.04 22.83
C THR H 74 39.76 6.47 24.16
N GLN H 75 38.67 7.25 24.10
CA GLN H 75 38.05 7.72 25.33
C GLN H 75 37.19 6.66 25.98
N HIS H 76 36.36 5.99 25.18
CA HIS H 76 35.49 4.97 25.73
C HIS H 76 36.24 3.85 26.41
N HIS H 77 37.54 3.77 26.17
CA HIS H 77 38.32 2.74 26.83
C HIS H 77 38.44 3.13 28.31
N HIS H 78 38.65 4.43 28.54
CA HIS H 78 38.74 4.95 29.91
C HIS H 78 37.48 5.79 30.14
N HIS H 79 36.31 5.30 29.74
CA HIS H 79 35.07 6.06 29.92
C HIS H 79 34.72 6.34 31.38
N ASP H 80 35.54 5.80 32.27
CA ASP H 80 35.37 5.98 33.71
C ASP H 80 36.38 7.06 34.11
N LEU H 81 36.77 7.88 33.13
CA LEU H 81 37.72 8.95 33.37
C LEU H 81 37.27 10.20 32.63
N SER H 82 36.19 10.08 31.88
CA SER H 82 35.64 11.20 31.12
C SER H 82 34.29 11.67 31.66
N VAL H 83 34.21 12.94 32.03
CA VAL H 83 32.97 13.52 32.54
C VAL H 83 32.06 13.78 31.33
N ALA H 84 32.62 14.49 30.36
CA ALA H 84 31.92 14.85 29.13
C ALA H 84 32.94 15.56 28.28
N THR H 85 32.62 15.75 27.01
CA THR H 85 33.51 16.47 26.09
C THR H 85 32.60 17.28 25.16
N LEU H 86 33.02 18.51 24.90
CA LEU H 86 32.26 19.43 24.08
C LEU H 86 32.98 19.62 22.75
N HIS H 87 32.25 19.41 21.66
CA HIS H 87 32.83 19.54 20.32
C HIS H 87 32.27 20.77 19.67
N VAL H 88 33.01 21.33 18.72
CA VAL H 88 32.61 22.51 17.95
C VAL H 88 33.22 22.41 16.56
N HIS H 89 32.41 22.08 15.56
CA HIS H 89 32.91 21.96 14.20
C HIS H 89 33.26 23.32 13.61
N ILE H 90 34.55 23.58 13.51
CA ILE H 90 35.08 24.85 13.02
C ILE H 90 35.22 24.99 11.51
N ASN H 91 34.80 23.98 10.78
CA ASN H 91 34.87 24.00 9.32
C ASN H 91 34.70 22.60 8.79
N HIS H 92 34.66 22.45 7.47
CA HIS H 92 34.45 21.14 6.86
C HIS H 92 35.41 20.04 7.32
N ASP H 93 36.67 20.41 7.54
CA ASP H 93 37.67 19.42 7.93
C ASP H 93 38.11 19.40 9.38
N ASP H 94 38.32 20.57 9.98
CA ASP H 94 38.81 20.65 11.34
C ASP H 94 37.74 20.65 12.45
N CYS H 95 38.14 20.21 13.64
CA CYS H 95 37.28 20.13 14.82
C CYS H 95 37.97 20.56 16.09
N LEU H 96 37.22 21.21 16.98
CA LEU H 96 37.76 21.66 18.25
C LEU H 96 37.02 21.02 19.41
N GLU H 97 37.63 19.99 20.01
CA GLU H 97 37.03 19.30 21.14
C GLU H 97 37.65 19.79 22.44
N ILE H 98 36.86 19.72 23.50
CA ILE H 98 37.24 20.12 24.82
C ILE H 98 36.72 19.03 25.72
N ALA H 99 37.64 18.33 26.39
CA ALA H 99 37.24 17.22 27.23
C ALA H 99 37.47 17.46 28.70
N VAL H 100 36.43 17.26 29.50
CA VAL H 100 36.53 17.42 30.94
C VAL H 100 36.82 16.02 31.49
N LEU H 101 37.88 15.95 32.29
CA LEU H 101 38.32 14.70 32.88
C LEU H 101 38.32 14.72 34.41
N LYS H 102 38.14 13.55 35.00
CA LYS H 102 38.08 13.43 36.44
C LYS H 102 38.63 12.10 36.92
N GLY H 103 39.60 12.19 37.83
CA GLY H 103 40.20 10.98 38.37
C GLY H 103 41.65 11.17 38.79
N ASP H 104 42.39 10.07 38.73
CA ASP H 104 43.80 10.06 39.09
C ASP H 104 44.57 10.92 38.11
N MSE H 105 45.06 12.06 38.58
CA MSE H 105 45.83 12.98 37.74
C MSE H 105 46.87 12.26 36.90
O MSE H 105 47.44 12.83 35.97
CB MSE H 105 46.51 14.05 38.59
CG MSE H 105 45.54 15.00 39.26
SE MSE H 105 44.45 15.97 37.99
CE MSE H 105 44.99 17.76 38.44
N GLY H 106 47.11 11.01 37.25
CA GLY H 106 48.06 10.22 36.52
C GLY H 106 47.39 9.69 35.27
N ASP H 107 46.38 8.85 35.46
CA ASP H 107 45.64 8.28 34.34
C ASP H 107 45.32 9.40 33.36
N VAL H 108 44.89 10.54 33.89
CA VAL H 108 44.56 11.69 33.07
C VAL H 108 45.70 11.96 32.12
N GLN H 109 46.84 12.35 32.66
CA GLN H 109 48.03 12.61 31.85
C GLN H 109 48.16 11.61 30.71
N HIS H 110 48.08 10.31 31.02
CA HIS H 110 48.16 9.28 30.00
C HIS H 110 47.15 9.60 28.91
N PHE H 111 45.89 9.30 29.21
CA PHE H 111 44.76 9.53 28.31
C PHE H 111 44.95 10.80 27.50
N ALA H 112 45.50 11.84 28.12
CA ALA H 112 45.74 13.11 27.44
C ALA H 112 46.67 12.90 26.25
N ASP H 113 47.83 12.31 26.52
CA ASP H 113 48.78 12.04 25.46
C ASP H 113 48.24 10.99 24.49
N ASP H 114 47.38 10.09 24.97
CA ASP H 114 46.77 9.07 24.11
C ASP H 114 45.95 9.77 23.05
N VAL H 115 45.89 11.09 23.18
CA VAL H 115 45.13 11.91 22.25
C VAL H 115 46.12 12.84 21.57
N ILE H 116 46.53 13.87 22.32
CA ILE H 116 47.44 14.88 21.82
C ILE H 116 48.50 14.40 20.86
N ALA H 117 49.15 13.29 21.21
CA ALA H 117 50.21 12.73 20.39
C ALA H 117 49.84 12.45 18.93
N GLN H 118 48.67 11.86 18.74
CA GLN H 118 48.16 11.50 17.40
C GLN H 118 48.54 12.48 16.30
N ARG H 119 48.91 11.93 15.15
CA ARG H 119 49.28 12.74 13.99
C ARG H 119 47.97 13.29 13.42
N GLY H 120 47.81 14.60 13.44
CA GLY H 120 46.57 15.17 12.93
C GLY H 120 45.70 15.58 14.10
N VAL H 121 46.35 16.00 15.18
CA VAL H 121 45.65 16.46 16.37
C VAL H 121 46.59 17.52 16.90
N ARG H 122 46.51 18.69 16.30
CA ARG H 122 47.39 19.79 16.70
C ARG H 122 46.88 20.62 17.88
N HIS H 123 47.80 21.36 18.50
CA HIS H 123 47.50 22.23 19.63
C HIS H 123 46.98 21.54 20.89
N GLY H 124 47.37 20.29 21.09
CA GLY H 124 46.93 19.60 22.29
C GLY H 124 47.25 20.43 23.53
N HIS H 125 46.54 20.19 24.62
CA HIS H 125 46.78 20.92 25.86
C HIS H 125 45.96 20.41 27.04
N LEU H 126 46.66 20.09 28.13
CA LEU H 126 46.00 19.61 29.33
C LEU H 126 46.12 20.63 30.44
N GLN H 127 45.00 21.01 31.03
CA GLN H 127 45.02 21.96 32.14
C GLN H 127 44.52 21.15 33.31
N CYS H 128 45.18 21.28 34.45
CA CYS H 128 44.78 20.51 35.60
C CYS H 128 44.23 21.35 36.75
N LEU H 129 43.45 20.71 37.61
CA LEU H 129 42.86 21.37 38.77
C LEU H 129 42.70 20.29 39.83
N PRO H 130 43.79 19.99 40.56
CA PRO H 130 43.83 18.99 41.63
C PRO H 130 43.20 19.44 42.95
N LYS H 131 42.55 18.51 43.65
CA LYS H 131 41.89 18.80 44.92
C LYS H 131 42.91 19.31 45.94
N MSE I 1 -22.72 11.76 -11.22
CA MSE I 1 -21.43 11.08 -11.56
C MSE I 1 -20.35 12.06 -11.99
O MSE I 1 -19.62 12.58 -11.14
CB MSE I 1 -21.68 10.04 -12.66
CG MSE I 1 -22.66 10.51 -13.71
SE MSE I 1 -23.29 9.01 -14.70
CE MSE I 1 -22.71 9.57 -16.47
N GLN I 2 -20.25 12.31 -13.29
CA GLN I 2 -19.26 13.25 -13.82
C GLN I 2 -19.65 13.71 -15.22
N ARG I 3 -19.40 14.99 -15.48
CA ARG I 3 -19.73 15.57 -16.77
C ARG I 3 -18.51 16.33 -17.28
N VAL I 4 -18.11 16.09 -18.53
CA VAL I 4 -16.93 16.78 -19.03
C VAL I 4 -17.09 17.34 -20.42
N THR I 5 -16.30 18.36 -20.71
CA THR I 5 -16.35 18.95 -22.04
C THR I 5 -14.98 18.80 -22.69
N ILE I 6 -15.03 18.44 -23.97
CA ILE I 6 -13.82 18.26 -24.72
C ILE I 6 -14.02 19.05 -25.97
N THR I 7 -12.93 19.21 -26.72
CA THR I 7 -12.96 19.95 -27.96
C THR I 7 -12.34 19.10 -29.06
N LEU I 8 -13.07 18.95 -30.15
CA LEU I 8 -12.59 18.18 -31.28
C LEU I 8 -12.85 18.94 -32.56
N ASP I 9 -11.95 18.76 -33.52
CA ASP I 9 -12.03 19.44 -34.81
C ASP I 9 -13.32 19.21 -35.56
N ASP I 10 -13.85 20.30 -36.07
CA ASP I 10 -15.08 20.29 -36.83
C ASP I 10 -15.18 19.06 -37.73
N ASP I 11 -14.04 18.69 -38.30
CA ASP I 11 -13.99 17.53 -39.19
C ASP I 11 -14.45 16.24 -38.50
N LEU I 12 -13.69 15.83 -37.48
CA LEU I 12 -13.97 14.61 -36.71
C LEU I 12 -15.40 14.54 -36.22
N LEU I 13 -15.85 15.58 -35.51
CA LEU I 13 -17.20 15.59 -34.99
C LEU I 13 -18.24 15.22 -36.05
N GLU I 14 -18.10 15.75 -37.26
CA GLU I 14 -19.04 15.42 -38.32
C GLU I 14 -19.01 13.91 -38.58
N THR I 15 -17.82 13.34 -38.53
CA THR I 15 -17.64 11.91 -38.76
C THR I 15 -18.30 11.12 -37.63
N LEU I 16 -18.23 11.65 -36.41
CA LEU I 16 -18.81 11.00 -35.25
C LEU I 16 -20.33 11.08 -35.30
N ASP I 17 -20.85 12.28 -35.56
CA ASP I 17 -22.30 12.45 -35.63
C ASP I 17 -22.93 11.65 -36.76
N SER I 18 -22.17 11.38 -37.83
CA SER I 18 -22.72 10.57 -38.91
C SER I 18 -23.07 9.24 -38.25
N LEU I 19 -22.10 8.69 -37.54
CA LEU I 19 -22.23 7.42 -36.84
C LEU I 19 -23.43 7.47 -35.90
N SER I 20 -23.47 8.50 -35.07
CA SER I 20 -24.59 8.64 -34.14
C SER I 20 -25.92 8.32 -34.81
N GLN I 21 -26.26 9.03 -35.89
CA GLN I 21 -27.54 8.75 -36.57
C GLN I 21 -27.49 7.50 -37.45
N ARG I 22 -26.46 7.42 -38.28
CA ARG I 22 -26.34 6.30 -39.19
C ARG I 22 -26.55 4.95 -38.53
N ARG I 23 -25.85 4.70 -37.43
CA ARG I 23 -26.00 3.42 -36.79
C ARG I 23 -26.58 3.41 -35.39
N GLY I 24 -27.86 3.73 -35.27
CA GLY I 24 -28.50 3.68 -33.96
C GLY I 24 -28.51 4.85 -32.98
N TYR I 25 -27.57 4.88 -32.04
CA TYR I 25 -27.55 5.93 -31.02
C TYR I 25 -27.88 7.30 -31.55
N ASN I 26 -29.10 7.77 -31.38
CA ASN I 26 -29.35 9.12 -31.82
C ASN I 26 -28.94 9.99 -30.66
N ASN I 27 -27.88 9.51 -30.02
CA ASN I 27 -27.27 10.12 -28.86
C ASN I 27 -25.76 10.17 -29.04
N ARG I 28 -25.20 11.36 -29.13
CA ARG I 28 -23.75 11.51 -29.30
C ARG I 28 -23.02 10.91 -28.11
N SER I 29 -23.39 11.36 -26.91
CA SER I 29 -22.78 10.88 -25.69
C SER I 29 -22.59 9.36 -25.67
N GLU I 30 -23.65 8.59 -25.87
CA GLU I 30 -23.47 7.14 -25.87
C GLU I 30 -22.46 6.76 -26.95
N ALA I 31 -22.74 7.10 -28.21
CA ALA I 31 -21.83 6.78 -29.31
C ALA I 31 -20.39 6.79 -28.80
N ILE I 32 -19.93 7.96 -28.35
CA ILE I 32 -18.58 8.15 -27.78
C ILE I 32 -18.27 7.13 -26.70
N ARG I 33 -19.10 7.11 -25.65
CA ARG I 33 -18.93 6.19 -24.55
C ARG I 33 -18.63 4.78 -25.06
N ASP I 34 -19.53 4.25 -25.90
CA ASP I 34 -19.36 2.91 -26.43
C ASP I 34 -17.97 2.77 -27.05
N ILE I 35 -17.54 3.79 -27.78
CA ILE I 35 -16.22 3.78 -28.42
C ILE I 35 -15.10 3.91 -27.39
N LEU I 36 -15.39 4.60 -26.30
CA LEU I 36 -14.44 4.82 -25.20
C LEU I 36 -14.27 3.52 -24.43
N ARG I 37 -15.38 2.81 -24.17
CA ARG I 37 -15.30 1.56 -23.43
C ARG I 37 -14.64 0.49 -24.28
N SER I 38 -14.76 0.59 -25.60
CA SER I 38 -14.13 -0.38 -26.50
C SER I 38 -12.64 -0.22 -26.26
N ALA I 39 -12.19 1.03 -26.31
CA ALA I 39 -10.80 1.35 -26.09
C ALA I 39 -10.33 0.83 -24.73
N LEU I 40 -10.91 1.31 -23.65
CA LEU I 40 -10.50 0.88 -22.33
C LEU I 40 -10.59 -0.62 -22.14
N ALA I 41 -11.31 -1.29 -23.05
CA ALA I 41 -11.49 -2.74 -23.00
C ALA I 41 -10.39 -3.45 -23.79
N GLN I 42 -10.08 -2.96 -24.98
CA GLN I 42 -9.02 -3.55 -25.79
C GLN I 42 -7.74 -3.49 -24.95
N GLU I 43 -7.48 -2.32 -24.37
CA GLU I 43 -6.31 -2.14 -23.54
C GLU I 43 -6.73 -2.61 -22.15
N ALA I 44 -6.76 -3.93 -22.01
CA ALA I 44 -7.13 -4.58 -20.77
C ALA I 44 -7.16 -6.07 -21.10
N THR I 45 -7.53 -6.39 -22.35
CA THR I 45 -7.56 -7.77 -22.81
C THR I 45 -6.09 -8.11 -22.86
N GLN I 46 -5.42 -7.36 -23.72
CA GLN I 46 -3.99 -7.46 -23.97
C GLN I 46 -3.22 -6.73 -22.86
N GLN I 47 -3.31 -7.26 -21.64
CA GLN I 47 -2.63 -6.71 -20.47
C GLN I 47 -2.47 -7.79 -19.42
N HIS I 48 -1.57 -7.54 -18.45
CA HIS I 48 -1.26 -8.47 -17.35
C HIS I 48 -2.38 -9.45 -16.99
N GLY I 49 -2.60 -10.43 -17.86
CA GLY I 49 -3.64 -11.44 -17.65
C GLY I 49 -4.82 -11.01 -16.80
N THR I 50 -5.70 -10.18 -17.34
CA THR I 50 -6.86 -9.72 -16.60
C THR I 50 -7.96 -10.75 -16.73
N GLN I 51 -8.85 -10.82 -15.75
CA GLN I 51 -9.95 -11.79 -15.78
C GLN I 51 -11.20 -11.24 -16.47
N GLY I 52 -12.12 -12.12 -16.85
CA GLY I 52 -13.33 -11.70 -17.52
C GLY I 52 -13.96 -12.82 -18.31
N PHE I 53 -14.96 -12.51 -19.13
CA PHE I 53 -15.65 -13.50 -19.95
C PHE I 53 -15.28 -13.27 -21.39
N ALA I 54 -15.58 -14.26 -22.22
CA ALA I 54 -15.28 -14.20 -23.63
C ALA I 54 -16.27 -15.05 -24.41
N VAL I 55 -16.55 -14.66 -25.65
CA VAL I 55 -17.49 -15.38 -26.50
C VAL I 55 -16.83 -15.91 -27.78
N LEU I 56 -16.41 -17.17 -27.76
CA LEU I 56 -15.75 -17.81 -28.89
C LEU I 56 -16.71 -18.45 -29.89
N SER I 57 -16.89 -17.84 -31.06
CA SER I 57 -17.81 -18.42 -32.05
C SER I 57 -17.04 -18.97 -33.25
N TYR I 58 -17.60 -19.95 -33.93
CA TYR I 58 -16.95 -20.56 -35.09
C TYR I 58 -17.83 -21.56 -35.80
N VAL I 59 -17.38 -22.02 -36.96
CA VAL I 59 -18.14 -22.98 -37.75
C VAL I 59 -17.29 -24.20 -38.09
N TYR I 60 -17.92 -25.33 -38.36
CA TYR I 60 -17.20 -26.55 -38.73
C TYR I 60 -18.15 -27.60 -39.26
N GLU I 61 -17.59 -28.67 -39.80
CA GLU I 61 -18.40 -29.76 -40.34
C GLU I 61 -18.30 -30.96 -39.41
N HIS I 62 -19.45 -31.45 -38.96
CA HIS I 62 -19.51 -32.58 -38.05
C HIS I 62 -19.30 -33.86 -38.81
N GLU I 63 -19.46 -33.80 -40.13
CA GLU I 63 -19.29 -34.95 -41.00
C GLU I 63 -17.93 -35.61 -40.81
N LYS I 64 -16.88 -34.80 -40.67
CA LYS I 64 -15.51 -35.29 -40.46
C LYS I 64 -15.43 -35.95 -39.08
N ARG I 65 -15.41 -37.28 -39.05
CA ARG I 65 -15.35 -38.05 -37.81
C ARG I 65 -14.27 -37.62 -36.82
N ASP I 66 -13.32 -36.80 -37.29
CA ASP I 66 -12.24 -36.31 -36.44
C ASP I 66 -12.38 -34.82 -36.15
N LEU I 67 -13.58 -34.29 -36.40
CA LEU I 67 -13.88 -32.88 -36.18
C LEU I 67 -15.04 -32.72 -35.20
N ALA I 68 -16.04 -33.60 -35.33
CA ALA I 68 -17.20 -33.57 -34.47
C ALA I 68 -16.80 -33.70 -33.01
N SER I 69 -16.50 -34.92 -32.59
CA SER I 69 -16.12 -35.18 -31.20
C SER I 69 -14.68 -34.80 -30.92
N ARG I 70 -14.12 -33.91 -31.73
CA ARG I 70 -12.74 -33.48 -31.53
C ARG I 70 -12.70 -32.17 -30.75
N ILE I 71 -13.61 -31.27 -31.11
CA ILE I 71 -13.69 -29.98 -30.46
C ILE I 71 -14.01 -30.14 -28.98
N VAL I 72 -15.04 -30.94 -28.71
CA VAL I 72 -15.49 -31.19 -27.34
C VAL I 72 -14.33 -31.64 -26.45
N SER I 73 -13.50 -32.53 -26.95
CA SER I 73 -12.39 -33.01 -26.17
C SER I 73 -11.48 -31.86 -25.78
N THR I 74 -11.12 -31.03 -26.77
CA THR I 74 -10.24 -29.91 -26.49
C THR I 74 -10.87 -29.06 -25.40
N GLN I 75 -12.15 -28.72 -25.56
CA GLN I 75 -12.86 -27.92 -24.59
C GLN I 75 -12.82 -28.58 -23.22
N HIS I 76 -13.02 -29.88 -23.16
CA HIS I 76 -12.99 -30.57 -21.88
C HIS I 76 -11.64 -30.45 -21.21
N HIS I 77 -10.61 -30.11 -21.98
CA HIS I 77 -9.25 -29.96 -21.43
C HIS I 77 -9.22 -28.71 -20.55
N HIS I 78 -10.01 -27.71 -20.96
CA HIS I 78 -10.11 -26.47 -20.22
C HIS I 78 -11.55 -26.32 -19.73
N HIS I 79 -12.13 -27.42 -19.23
CA HIS I 79 -13.51 -27.39 -18.74
C HIS I 79 -13.69 -26.37 -17.62
N ASP I 80 -12.57 -25.82 -17.16
CA ASP I 80 -12.57 -24.83 -16.10
C ASP I 80 -12.74 -23.43 -16.68
N LEU I 81 -12.58 -23.30 -17.99
CA LEU I 81 -12.70 -22.01 -18.65
C LEU I 81 -14.00 -21.90 -19.45
N SER I 82 -14.70 -23.02 -19.59
CA SER I 82 -15.96 -23.06 -20.33
C SER I 82 -17.19 -22.96 -19.43
N VAL I 83 -18.11 -22.08 -19.79
CA VAL I 83 -19.34 -21.88 -19.03
C VAL I 83 -20.35 -22.80 -19.69
N ALA I 84 -20.67 -22.47 -20.93
CA ALA I 84 -21.59 -23.28 -21.69
C ALA I 84 -21.19 -23.12 -23.16
N THR I 85 -21.85 -23.89 -24.02
CA THR I 85 -21.53 -23.81 -25.43
C THR I 85 -22.78 -24.08 -26.25
N LEU I 86 -23.33 -23.02 -26.82
CA LEU I 86 -24.53 -23.10 -27.62
C LEU I 86 -24.11 -23.66 -28.94
N HIS I 87 -24.96 -24.46 -29.56
CA HIS I 87 -24.61 -25.09 -30.82
C HIS I 87 -25.83 -25.17 -31.69
N VAL I 88 -25.69 -24.76 -32.95
CA VAL I 88 -26.79 -24.81 -33.88
C VAL I 88 -26.45 -25.74 -35.03
N HIS I 89 -27.47 -26.30 -35.67
CA HIS I 89 -27.24 -27.20 -36.78
C HIS I 89 -27.77 -26.55 -38.04
N ILE I 90 -26.98 -25.64 -38.60
CA ILE I 90 -27.31 -24.90 -39.80
C ILE I 90 -27.89 -25.81 -40.89
N ASN I 91 -27.16 -26.87 -41.19
CA ASN I 91 -27.58 -27.82 -42.22
C ASN I 91 -27.02 -29.20 -41.96
N HIS I 92 -27.43 -30.14 -42.79
CA HIS I 92 -27.02 -31.55 -42.70
C HIS I 92 -25.59 -31.80 -42.20
N ASP I 93 -24.67 -30.89 -42.52
CA ASP I 93 -23.28 -31.08 -42.11
C ASP I 93 -22.54 -29.86 -41.56
N ASP I 94 -23.24 -28.75 -41.41
CA ASP I 94 -22.63 -27.53 -40.87
C ASP I 94 -23.00 -27.25 -39.42
N CYS I 95 -22.01 -26.85 -38.64
CA CYS I 95 -22.24 -26.55 -37.24
C CYS I 95 -21.79 -25.15 -36.87
N LEU I 96 -22.65 -24.46 -36.13
CA LEU I 96 -22.34 -23.13 -35.64
C LEU I 96 -22.25 -23.25 -34.13
N GLU I 97 -21.06 -23.09 -33.58
CA GLU I 97 -20.91 -23.23 -32.15
C GLU I 97 -20.44 -21.93 -31.54
N ILE I 98 -20.95 -21.64 -30.34
CA ILE I 98 -20.60 -20.44 -29.61
C ILE I 98 -20.22 -20.95 -28.25
N ALA I 99 -19.04 -20.57 -27.78
CA ALA I 99 -18.59 -21.01 -26.47
C ALA I 99 -18.36 -19.82 -25.56
N VAL I 100 -19.15 -19.73 -24.52
CA VAL I 100 -18.99 -18.66 -23.56
C VAL I 100 -17.90 -19.09 -22.59
N LEU I 101 -16.88 -18.26 -22.42
CA LEU I 101 -15.78 -18.58 -21.54
C LEU I 101 -15.55 -17.58 -20.41
N LYS I 102 -14.97 -18.06 -19.31
CA LYS I 102 -14.70 -17.21 -18.16
C LYS I 102 -13.39 -17.59 -17.52
N GLY I 103 -12.62 -16.58 -17.11
CA GLY I 103 -11.34 -16.82 -16.48
C GLY I 103 -10.32 -15.74 -16.74
N ASP I 104 -9.08 -16.14 -17.01
CA ASP I 104 -8.00 -15.21 -17.30
C ASP I 104 -7.89 -15.07 -18.80
N MSE I 105 -7.97 -13.83 -19.28
CA MSE I 105 -7.92 -13.52 -20.71
C MSE I 105 -6.80 -14.23 -21.44
O MSE I 105 -6.83 -14.36 -22.66
CB MSE I 105 -7.80 -12.01 -20.91
CG MSE I 105 -9.02 -11.22 -20.49
SE MSE I 105 -10.61 -11.71 -21.45
CE MSE I 105 -11.45 -12.78 -20.09
N GLY I 106 -5.79 -14.69 -20.70
CA GLY I 106 -4.70 -15.40 -21.31
C GLY I 106 -5.10 -16.81 -21.67
N ASP I 107 -5.41 -17.58 -20.63
CA ASP I 107 -5.84 -18.96 -20.80
C ASP I 107 -6.91 -19.01 -21.88
N VAL I 108 -7.80 -18.02 -21.88
CA VAL I 108 -8.86 -17.97 -22.85
C VAL I 108 -8.30 -17.87 -24.27
N GLN I 109 -7.62 -16.77 -24.58
CA GLN I 109 -7.05 -16.62 -25.91
C GLN I 109 -6.37 -17.93 -26.25
N HIS I 110 -5.60 -18.45 -25.29
CA HIS I 110 -4.93 -19.73 -25.47
C HIS I 110 -6.03 -20.67 -25.97
N PHE I 111 -6.88 -21.08 -25.04
CA PHE I 111 -8.01 -21.97 -25.32
C PHE I 111 -8.56 -21.75 -26.72
N ALA I 112 -8.97 -20.53 -27.00
CA ALA I 112 -9.52 -20.19 -28.31
C ALA I 112 -8.64 -20.78 -29.38
N ASP I 113 -7.39 -20.35 -29.39
CA ASP I 113 -6.41 -20.82 -30.37
C ASP I 113 -6.52 -22.32 -30.59
N ASP I 114 -6.38 -23.09 -29.51
CA ASP I 114 -6.44 -24.54 -29.58
C ASP I 114 -7.66 -24.95 -30.38
N VAL I 115 -8.78 -24.31 -30.07
CA VAL I 115 -10.02 -24.63 -30.77
C VAL I 115 -10.06 -24.09 -32.18
N ILE I 116 -9.43 -22.93 -32.42
CA ILE I 116 -9.44 -22.37 -33.76
C ILE I 116 -8.59 -23.29 -34.61
N ALA I 117 -7.62 -23.93 -33.96
CA ALA I 117 -6.69 -24.84 -34.61
C ALA I 117 -7.39 -26.06 -35.23
N GLN I 118 -7.63 -27.10 -34.41
CA GLN I 118 -8.27 -28.35 -34.84
C GLN I 118 -8.84 -28.27 -36.26
N ARG I 119 -7.97 -28.39 -37.26
CA ARG I 119 -8.30 -28.32 -38.68
C ARG I 119 -9.77 -28.55 -39.05
N GLY I 120 -10.36 -27.59 -39.75
CA GLY I 120 -11.76 -27.69 -40.15
C GLY I 120 -12.65 -26.63 -39.54
N VAL I 121 -12.05 -25.77 -38.72
CA VAL I 121 -12.76 -24.71 -38.03
C VAL I 121 -12.63 -23.37 -38.75
N ARG I 122 -13.63 -23.01 -39.53
CA ARG I 122 -13.60 -21.74 -40.27
C ARG I 122 -14.27 -20.59 -39.53
N HIS I 123 -14.03 -19.37 -40.02
CA HIS I 123 -14.61 -18.16 -39.45
C HIS I 123 -14.42 -17.97 -37.97
N GLY I 124 -13.64 -18.86 -37.37
CA GLY I 124 -13.38 -18.76 -35.95
C GLY I 124 -13.08 -17.35 -35.46
N HIS I 125 -13.86 -16.88 -34.50
CA HIS I 125 -13.67 -15.55 -33.92
C HIS I 125 -13.90 -15.53 -32.42
N LEU I 126 -13.18 -14.65 -31.72
CA LEU I 126 -13.31 -14.54 -30.27
C LEU I 126 -13.38 -13.10 -29.82
N GLN I 127 -14.36 -12.81 -28.97
CA GLN I 127 -14.58 -11.47 -28.44
C GLN I 127 -14.37 -11.55 -26.93
N CYS I 128 -13.52 -10.71 -26.38
CA CYS I 128 -13.25 -10.71 -24.94
C CYS I 128 -14.02 -9.62 -24.18
N LEU I 129 -14.43 -9.92 -22.96
CA LEU I 129 -15.18 -8.95 -22.18
C LEU I 129 -14.63 -8.85 -20.77
N PRO I 130 -13.42 -8.28 -20.63
CA PRO I 130 -12.75 -8.10 -19.34
C PRO I 130 -13.69 -7.55 -18.27
N LYS I 131 -13.30 -7.71 -17.01
CA LYS I 131 -14.08 -7.24 -15.86
C LYS I 131 -13.77 -5.77 -15.55
N MSE J 1 -12.44 24.93 -33.54
CA MSE J 1 -13.04 23.56 -33.47
C MSE J 1 -14.36 23.66 -32.71
O MSE J 1 -14.78 24.75 -32.34
CB MSE J 1 -12.09 22.64 -32.71
CG MSE J 1 -10.63 22.83 -33.06
SE MSE J 1 -9.48 21.81 -31.90
CE MSE J 1 -8.80 20.55 -33.20
N GLN J 2 -15.02 22.52 -32.48
CA GLN J 2 -16.29 22.51 -31.76
C GLN J 2 -16.23 21.99 -30.32
N ARG J 3 -17.11 22.53 -29.49
CA ARG J 3 -17.18 22.12 -28.09
C ARG J 3 -18.16 20.97 -28.06
N VAL J 4 -18.06 20.14 -27.03
CA VAL J 4 -18.97 19.01 -26.86
C VAL J 4 -18.87 18.54 -25.45
N THR J 5 -20.02 18.33 -24.84
CA THR J 5 -20.02 17.87 -23.48
C THR J 5 -20.57 16.46 -23.41
N ILE J 6 -19.83 15.56 -22.78
CA ILE J 6 -20.30 14.20 -22.65
C ILE J 6 -20.44 13.93 -21.16
N THR J 7 -21.21 12.91 -20.81
CA THR J 7 -21.46 12.58 -19.42
C THR J 7 -20.92 11.20 -19.13
N LEU J 8 -19.98 11.08 -18.20
CA LEU J 8 -19.39 9.76 -17.93
C LEU J 8 -19.50 9.27 -16.52
N ASP J 9 -19.56 7.95 -16.37
CA ASP J 9 -19.61 7.37 -15.04
C ASP J 9 -18.28 7.73 -14.40
N ASP J 10 -18.27 7.94 -13.09
CA ASP J 10 -17.05 8.28 -12.38
C ASP J 10 -15.95 7.30 -12.72
N ASP J 11 -16.22 6.02 -12.52
CA ASP J 11 -15.22 5.01 -12.84
C ASP J 11 -14.70 5.16 -14.26
N LEU J 12 -15.59 5.10 -15.24
CA LEU J 12 -15.18 5.22 -16.64
C LEU J 12 -14.19 6.36 -16.75
N LEU J 13 -14.58 7.55 -16.28
CA LEU J 13 -13.72 8.75 -16.35
C LEU J 13 -12.32 8.57 -15.79
N GLU J 14 -12.22 7.96 -14.62
CA GLU J 14 -10.92 7.70 -14.01
C GLU J 14 -10.15 6.72 -14.89
N THR J 15 -10.77 5.59 -15.14
CA THR J 15 -10.17 4.57 -15.99
C THR J 15 -9.56 5.27 -17.20
N LEU J 16 -10.33 6.17 -17.79
CA LEU J 16 -9.93 6.90 -18.99
C LEU J 16 -8.80 7.87 -18.81
N ASP J 17 -8.97 8.81 -17.88
CA ASP J 17 -7.93 9.80 -17.62
C ASP J 17 -6.59 9.18 -17.28
N SER J 18 -6.55 8.35 -16.23
CA SER J 18 -5.29 7.71 -15.85
C SER J 18 -4.64 7.05 -17.07
N LEU J 19 -5.41 6.24 -17.80
CA LEU J 19 -4.87 5.58 -18.99
C LEU J 19 -4.41 6.59 -20.02
N SER J 20 -5.00 7.78 -20.01
CA SER J 20 -4.57 8.80 -20.95
C SER J 20 -3.29 9.42 -20.43
N GLN J 21 -3.12 9.45 -19.11
CA GLN J 21 -1.93 10.01 -18.49
C GLN J 21 -0.71 9.10 -18.63
N ARG J 22 -0.93 7.79 -18.48
CA ARG J 22 0.16 6.82 -18.60
C ARG J 22 0.66 6.73 -20.04
N ARG J 23 -0.08 7.33 -20.97
CA ARG J 23 0.29 7.33 -22.39
C ARG J 23 0.97 8.62 -22.84
N GLY J 24 1.12 9.58 -21.92
CA GLY J 24 1.77 10.83 -22.27
C GLY J 24 0.83 11.96 -22.68
N TYR J 25 -0.47 11.77 -22.46
CA TYR J 25 -1.46 12.79 -22.80
C TYR J 25 -1.61 13.78 -21.65
N ASN J 26 -1.55 15.07 -21.99
CA ASN J 26 -1.69 16.11 -20.97
C ASN J 26 -3.12 16.66 -20.97
N ASN J 27 -3.82 16.48 -22.08
CA ASN J 27 -5.19 16.97 -22.19
C ASN J 27 -6.16 15.91 -22.70
N ARG J 28 -7.29 15.79 -22.00
CA ARG J 28 -8.31 14.82 -22.35
C ARG J 28 -8.75 14.95 -23.81
N SER J 29 -9.17 16.16 -24.17
CA SER J 29 -9.64 16.42 -25.51
C SER J 29 -8.77 15.81 -26.60
N GLU J 30 -7.46 15.74 -26.35
CA GLU J 30 -6.60 15.14 -27.34
C GLU J 30 -6.83 13.64 -27.21
N ALA J 31 -6.55 13.12 -26.01
CA ALA J 31 -6.71 11.70 -25.73
C ALA J 31 -7.93 11.12 -26.45
N ILE J 32 -9.10 11.62 -26.06
CA ILE J 32 -10.38 11.20 -26.61
C ILE J 32 -10.44 11.35 -28.12
N ARG J 33 -9.92 12.47 -28.60
CA ARG J 33 -9.93 12.77 -30.02
C ARG J 33 -9.24 11.64 -30.77
N ASP J 34 -8.10 11.22 -30.23
CA ASP J 34 -7.33 10.16 -30.83
C ASP J 34 -8.07 8.86 -30.90
N ILE J 35 -8.83 8.53 -29.86
CA ILE J 35 -9.56 7.27 -29.86
C ILE J 35 -10.74 7.31 -30.80
N LEU J 36 -11.55 8.34 -30.69
CA LEU J 36 -12.69 8.50 -31.55
C LEU J 36 -12.23 8.31 -32.98
N ARG J 37 -11.27 9.14 -33.37
CA ARG J 37 -10.67 9.13 -34.72
C ARG J 37 -10.25 7.73 -35.13
N SER J 38 -9.45 7.11 -34.27
CA SER J 38 -8.97 5.77 -34.51
C SER J 38 -10.16 4.86 -34.77
N ALA J 39 -10.70 4.31 -33.69
CA ALA J 39 -11.84 3.40 -33.79
C ALA J 39 -12.84 3.83 -34.86
N LEU J 40 -13.03 5.15 -35.02
CA LEU J 40 -13.97 5.67 -36.00
C LEU J 40 -13.65 5.29 -37.44
N ALA J 41 -12.35 5.20 -37.73
CA ALA J 41 -11.88 4.84 -39.07
C ALA J 41 -12.08 3.37 -39.39
N GLN J 42 -11.49 2.49 -38.59
CA GLN J 42 -11.64 1.06 -38.78
C GLN J 42 -13.07 0.70 -38.38
N GLU J 43 -13.94 0.52 -39.37
CA GLU J 43 -15.34 0.20 -39.11
C GLU J 43 -15.88 -0.79 -40.14
N ALA J 44 -17.11 -1.26 -39.93
CA ALA J 44 -17.76 -2.21 -40.83
C ALA J 44 -19.25 -1.91 -40.92
N THR J 45 -19.79 -1.98 -42.14
CA THR J 45 -21.20 -1.71 -42.37
C THR J 45 -21.79 -2.75 -43.34
N GLN J 46 -22.85 -3.42 -42.90
CA GLN J 46 -23.51 -4.45 -43.73
C GLN J 46 -24.42 -3.89 -44.82
N GLN J 47 -24.88 -4.78 -45.71
CA GLN J 47 -25.74 -4.40 -46.81
C GLN J 47 -26.80 -5.48 -47.08
N HIS J 48 -27.99 -5.05 -47.46
CA HIS J 48 -29.09 -5.98 -47.76
C HIS J 48 -28.69 -6.93 -48.90
N GLY J 49 -29.50 -7.95 -49.14
CA GLY J 49 -29.19 -8.91 -50.18
C GLY J 49 -28.51 -10.15 -49.63
N THR J 50 -27.32 -9.96 -49.05
CA THR J 50 -26.55 -11.05 -48.45
C THR J 50 -27.46 -11.78 -47.45
N GLN J 51 -27.07 -12.98 -47.03
CA GLN J 51 -27.89 -13.71 -46.06
C GLN J 51 -27.08 -14.75 -45.29
N GLY J 52 -27.65 -15.24 -44.19
CA GLY J 52 -26.97 -16.23 -43.37
C GLY J 52 -27.14 -15.99 -41.89
N PHE J 53 -26.23 -16.51 -41.08
CA PHE J 53 -26.30 -16.35 -39.63
C PHE J 53 -25.43 -15.26 -39.09
N ALA J 54 -25.78 -14.83 -37.88
CA ALA J 54 -25.06 -13.78 -37.17
C ALA J 54 -24.99 -14.12 -35.70
N VAL J 55 -24.07 -13.46 -35.00
CA VAL J 55 -23.89 -13.68 -33.56
C VAL J 55 -23.72 -12.37 -32.74
N LEU J 56 -24.86 -11.79 -32.41
CA LEU J 56 -24.97 -10.55 -31.64
C LEU J 56 -24.70 -10.84 -30.16
N SER J 57 -23.75 -10.17 -29.56
CA SER J 57 -23.44 -10.45 -28.16
C SER J 57 -23.09 -9.18 -27.43
N TYR J 58 -23.75 -8.96 -26.31
CA TYR J 58 -23.55 -7.75 -25.52
C TYR J 58 -23.71 -7.99 -24.03
N VAL J 59 -23.63 -6.91 -23.28
CA VAL J 59 -23.76 -6.91 -21.83
C VAL J 59 -24.72 -5.78 -21.50
N TYR J 60 -25.44 -5.87 -20.39
CA TYR J 60 -26.37 -4.80 -20.05
C TYR J 60 -26.97 -4.97 -18.69
N GLU J 61 -27.14 -3.85 -17.98
CA GLU J 61 -27.75 -3.85 -16.66
C GLU J 61 -29.22 -4.12 -16.94
N HIS J 62 -29.77 -5.17 -16.34
CA HIS J 62 -31.17 -5.52 -16.59
C HIS J 62 -32.18 -4.60 -15.95
N GLU J 63 -31.75 -3.90 -14.91
CA GLU J 63 -32.63 -2.98 -14.19
C GLU J 63 -32.66 -1.61 -14.82
N LYS J 64 -31.61 -1.28 -15.57
CA LYS J 64 -31.53 0.00 -16.25
C LYS J 64 -32.47 0.04 -17.47
N ARG J 65 -33.09 1.19 -17.72
CA ARG J 65 -33.98 1.36 -18.85
C ARG J 65 -34.93 0.19 -19.09
N ASP J 66 -35.26 -0.59 -18.07
CA ASP J 66 -36.16 -1.72 -18.29
C ASP J 66 -35.63 -2.63 -19.40
N LEU J 67 -34.35 -2.50 -19.69
CA LEU J 67 -33.72 -3.29 -20.75
C LEU J 67 -34.22 -4.73 -20.80
N ALA J 68 -34.02 -5.45 -19.70
CA ALA J 68 -34.42 -6.86 -19.61
C ALA J 68 -35.71 -7.17 -20.36
N SER J 69 -36.75 -6.39 -20.13
CA SER J 69 -38.01 -6.66 -20.81
C SER J 69 -38.11 -6.00 -22.18
N ARG J 70 -37.39 -4.89 -22.38
CA ARG J 70 -37.46 -4.25 -23.68
C ARG J 70 -36.75 -5.13 -24.69
N ILE J 71 -35.46 -5.33 -24.50
CA ILE J 71 -34.67 -6.20 -25.35
C ILE J 71 -35.51 -7.37 -25.84
N VAL J 72 -36.11 -8.10 -24.91
CA VAL J 72 -36.95 -9.24 -25.24
C VAL J 72 -38.08 -8.79 -26.14
N SER J 73 -38.74 -7.72 -25.74
CA SER J 73 -39.84 -7.18 -26.53
C SER J 73 -39.41 -6.95 -27.97
N THR J 74 -38.35 -6.17 -28.19
CA THR J 74 -37.86 -5.90 -29.53
C THR J 74 -37.60 -7.20 -30.27
N GLN J 75 -36.87 -8.13 -29.66
CA GLN J 75 -36.59 -9.39 -30.33
C GLN J 75 -37.87 -10.08 -30.76
N HIS J 76 -38.88 -10.04 -29.91
CA HIS J 76 -40.16 -10.68 -30.24
C HIS J 76 -40.86 -9.94 -31.34
N HIS J 77 -40.31 -8.79 -31.71
CA HIS J 77 -40.86 -7.96 -32.78
C HIS J 77 -40.27 -8.50 -34.09
N HIS J 78 -39.02 -8.93 -34.01
CA HIS J 78 -38.28 -9.51 -35.14
C HIS J 78 -38.10 -10.97 -34.78
N HIS J 79 -39.03 -11.51 -34.00
CA HIS J 79 -38.92 -12.90 -33.53
C HIS J 79 -38.69 -13.93 -34.61
N ASP J 80 -38.54 -13.45 -35.84
CA ASP J 80 -38.31 -14.34 -36.97
C ASP J 80 -36.83 -14.35 -37.35
N LEU J 81 -36.08 -13.35 -36.89
CA LEU J 81 -34.66 -13.31 -37.19
C LEU J 81 -33.90 -13.93 -36.04
N SER J 82 -34.62 -14.25 -34.96
CA SER J 82 -34.00 -14.85 -33.78
C SER J 82 -34.13 -16.37 -33.71
N VAL J 83 -32.99 -17.04 -33.59
CA VAL J 83 -32.98 -18.49 -33.50
C VAL J 83 -33.15 -18.82 -32.04
N ALA J 84 -32.20 -18.35 -31.26
CA ALA J 84 -32.22 -18.57 -29.85
C ALA J 84 -31.23 -17.61 -29.22
N THR J 85 -31.41 -17.35 -27.93
CA THR J 85 -30.53 -16.43 -27.23
C THR J 85 -30.07 -17.07 -25.93
N LEU J 86 -28.77 -16.97 -25.66
CA LEU J 86 -28.15 -17.51 -24.46
C LEU J 86 -27.80 -16.39 -23.48
N HIS J 87 -28.36 -16.45 -22.28
CA HIS J 87 -28.11 -15.43 -21.28
C HIS J 87 -27.22 -16.00 -20.20
N VAL J 88 -26.47 -15.14 -19.52
CA VAL J 88 -25.57 -15.58 -18.45
C VAL J 88 -25.43 -14.47 -17.42
N HIS J 89 -25.96 -14.71 -16.23
CA HIS J 89 -25.91 -13.73 -15.17
C HIS J 89 -24.54 -13.71 -14.52
N ILE J 90 -23.81 -12.62 -14.78
CA ILE J 90 -22.46 -12.43 -14.30
C ILE J 90 -22.41 -11.82 -12.92
N ASN J 91 -23.47 -11.16 -12.52
CA ASN J 91 -23.50 -10.53 -11.20
C ASN J 91 -24.90 -9.98 -10.98
N HIS J 92 -25.19 -9.53 -9.76
CA HIS J 92 -26.50 -9.02 -9.48
C HIS J 92 -27.06 -8.03 -10.50
N ASP J 93 -26.21 -7.13 -10.98
CA ASP J 93 -26.63 -6.09 -11.92
C ASP J 93 -26.50 -6.33 -13.42
N ASP J 94 -25.37 -6.91 -13.84
CA ASP J 94 -25.09 -7.14 -15.26
C ASP J 94 -25.40 -8.49 -15.87
N CYS J 95 -25.71 -8.46 -17.15
CA CYS J 95 -26.03 -9.66 -17.90
C CYS J 95 -25.22 -9.74 -19.17
N LEU J 96 -24.90 -10.96 -19.58
CA LEU J 96 -24.16 -11.19 -20.81
C LEU J 96 -25.06 -11.99 -21.75
N GLU J 97 -25.67 -11.35 -22.76
CA GLU J 97 -26.52 -12.09 -23.68
C GLU J 97 -25.74 -12.38 -24.95
N ILE J 98 -26.22 -13.38 -25.68
CA ILE J 98 -25.63 -13.82 -26.91
C ILE J 98 -26.79 -14.25 -27.77
N ALA J 99 -27.13 -13.47 -28.78
CA ALA J 99 -28.24 -13.80 -29.65
C ALA J 99 -27.71 -14.37 -30.94
N VAL J 100 -28.33 -15.45 -31.40
CA VAL J 100 -27.95 -16.07 -32.64
C VAL J 100 -29.03 -15.69 -33.62
N LEU J 101 -28.66 -14.86 -34.59
CA LEU J 101 -29.61 -14.38 -35.59
C LEU J 101 -29.52 -15.13 -36.90
N LYS J 102 -30.61 -15.12 -37.66
CA LYS J 102 -30.67 -15.80 -38.95
C LYS J 102 -31.56 -15.06 -39.90
N GLY J 103 -31.05 -14.81 -41.10
CA GLY J 103 -31.86 -14.11 -42.08
C GLY J 103 -31.09 -13.10 -42.90
N ASP J 104 -31.85 -12.27 -43.61
CA ASP J 104 -31.28 -11.24 -44.45
C ASP J 104 -30.30 -10.38 -43.67
N MSE J 105 -29.02 -10.64 -43.86
CA MSE J 105 -27.94 -9.90 -43.19
C MSE J 105 -28.21 -8.41 -43.03
O MSE J 105 -27.59 -7.76 -42.18
CB MSE J 105 -26.64 -10.09 -43.96
CG MSE J 105 -26.17 -11.51 -44.03
SE MSE J 105 -25.82 -12.23 -42.28
CE MSE J 105 -24.69 -10.84 -41.65
N GLY J 106 -29.08 -7.86 -43.85
CA GLY J 106 -29.37 -6.45 -43.75
C GLY J 106 -30.25 -6.17 -42.54
N ASP J 107 -31.34 -6.92 -42.43
CA ASP J 107 -32.26 -6.76 -41.33
C ASP J 107 -31.49 -7.03 -40.05
N VAL J 108 -30.76 -8.14 -40.05
CA VAL J 108 -29.95 -8.53 -38.90
C VAL J 108 -29.23 -7.31 -38.39
N GLN J 109 -28.39 -6.76 -39.26
CA GLN J 109 -27.62 -5.58 -38.94
C GLN J 109 -28.48 -4.52 -38.30
N HIS J 110 -29.65 -4.30 -38.87
CA HIS J 110 -30.54 -3.29 -38.33
C HIS J 110 -30.86 -3.68 -36.89
N PHE J 111 -31.60 -4.77 -36.73
CA PHE J 111 -31.98 -5.32 -35.43
C PHE J 111 -30.82 -5.20 -34.44
N ALA J 112 -29.66 -5.72 -34.82
CA ALA J 112 -28.48 -5.66 -33.97
C ALA J 112 -28.23 -4.26 -33.42
N ASP J 113 -28.55 -3.25 -34.21
CA ASP J 113 -28.36 -1.88 -33.75
C ASP J 113 -29.46 -1.51 -32.75
N ASP J 114 -30.67 -2.02 -33.00
CA ASP J 114 -31.81 -1.78 -32.12
C ASP J 114 -31.54 -2.39 -30.75
N VAL J 115 -30.30 -2.79 -30.53
CA VAL J 115 -29.92 -3.39 -29.27
C VAL J 115 -28.65 -2.78 -28.78
N ILE J 116 -27.65 -2.71 -29.63
CA ILE J 116 -26.39 -2.16 -29.21
C ILE J 116 -26.45 -0.68 -28.85
N ALA J 117 -27.27 0.07 -29.56
CA ALA J 117 -27.35 1.51 -29.33
C ALA J 117 -27.88 1.89 -27.96
N GLN J 118 -28.83 1.09 -27.44
CA GLN J 118 -29.45 1.31 -26.13
C GLN J 118 -28.52 1.80 -25.04
N ARG J 119 -28.92 2.86 -24.33
CA ARG J 119 -28.09 3.33 -23.21
C ARG J 119 -28.20 2.19 -22.18
N GLY J 120 -27.06 1.65 -21.73
CA GLY J 120 -27.12 0.57 -20.77
C GLY J 120 -26.78 -0.77 -21.38
N VAL J 121 -26.29 -0.77 -22.62
CA VAL J 121 -25.90 -1.99 -23.31
C VAL J 121 -24.49 -1.78 -23.82
N ARG J 122 -23.53 -2.19 -23.01
CA ARG J 122 -22.11 -2.03 -23.31
C ARG J 122 -21.51 -3.14 -24.18
N HIS J 123 -20.30 -2.91 -24.68
CA HIS J 123 -19.57 -3.88 -25.48
C HIS J 123 -20.33 -4.60 -26.58
N GLY J 124 -21.39 -3.98 -27.10
CA GLY J 124 -22.15 -4.61 -28.18
C GLY J 124 -21.24 -5.01 -29.33
N HIS J 125 -21.55 -6.13 -29.99
CA HIS J 125 -20.74 -6.61 -31.12
C HIS J 125 -21.47 -7.59 -32.03
N LEU J 126 -21.46 -7.32 -33.33
CA LEU J 126 -22.11 -8.23 -34.27
C LEU J 126 -21.06 -8.92 -35.11
N GLN J 127 -21.20 -10.23 -35.27
CA GLN J 127 -20.27 -11.00 -36.08
C GLN J 127 -21.14 -11.73 -37.09
N CYS J 128 -20.81 -11.54 -38.38
CA CYS J 128 -21.59 -12.16 -39.44
C CYS J 128 -20.95 -13.39 -40.09
N LEU J 129 -21.81 -14.32 -40.51
CA LEU J 129 -21.36 -15.55 -41.14
C LEU J 129 -22.38 -15.86 -42.23
N PRO J 130 -22.30 -15.15 -43.36
CA PRO J 130 -23.21 -15.33 -44.50
C PRO J 130 -23.10 -16.68 -45.19
N LYS J 131 -23.96 -16.90 -46.19
CA LYS J 131 -23.99 -18.16 -46.94
C LYS J 131 -23.17 -18.07 -48.23
N MSE K 1 -63.48 -14.92 -18.33
CA MSE K 1 -63.22 -16.30 -18.84
C MSE K 1 -64.18 -17.30 -18.23
O MSE K 1 -65.25 -17.53 -18.79
CB MSE K 1 -61.78 -16.70 -18.52
CG MSE K 1 -61.36 -16.29 -17.15
SE MSE K 1 -59.48 -16.37 -17.07
CE MSE K 1 -59.29 -17.66 -15.64
N GLN K 2 -63.82 -17.92 -17.12
CA GLN K 2 -64.70 -18.90 -16.47
C GLN K 2 -64.27 -19.10 -15.03
N ARG K 3 -65.26 -19.31 -14.17
CA ARG K 3 -64.98 -19.50 -12.76
C ARG K 3 -65.81 -20.68 -12.25
N VAL K 4 -65.17 -21.61 -11.56
CA VAL K 4 -65.93 -22.77 -11.12
C VAL K 4 -65.65 -23.17 -9.69
N THR K 5 -66.62 -23.87 -9.10
CA THR K 5 -66.49 -24.36 -7.75
C THR K 5 -66.54 -25.88 -7.72
N ILE K 6 -65.66 -26.43 -6.93
CA ILE K 6 -65.60 -27.85 -6.79
C ILE K 6 -65.53 -28.13 -5.30
N THR K 7 -65.74 -29.38 -4.95
CA THR K 7 -65.72 -29.76 -3.56
C THR K 7 -64.73 -30.88 -3.33
N LEU K 8 -63.82 -30.67 -2.40
CA LEU K 8 -62.85 -31.69 -2.10
C LEU K 8 -62.75 -31.92 -0.62
N ASP K 9 -62.47 -33.17 -0.25
CA ASP K 9 -62.38 -33.57 1.14
C ASP K 9 -61.35 -32.82 1.96
N ASP K 10 -61.77 -32.40 3.15
CA ASP K 10 -60.93 -31.66 4.09
C ASP K 10 -59.51 -32.18 4.09
N ASP K 11 -59.37 -33.50 3.95
CA ASP K 11 -58.07 -34.12 3.93
C ASP K 11 -57.20 -33.61 2.76
N LEU K 12 -57.61 -33.91 1.53
CA LEU K 12 -56.89 -33.50 0.31
C LEU K 12 -56.57 -32.00 0.30
N LEU K 13 -57.58 -31.13 0.40
CA LEU K 13 -57.33 -29.70 0.43
C LEU K 13 -56.15 -29.30 1.31
N GLU K 14 -56.04 -29.87 2.50
CA GLU K 14 -54.93 -29.56 3.39
C GLU K 14 -53.61 -29.94 2.72
N THR K 15 -53.60 -31.08 2.01
CA THR K 15 -52.41 -31.55 1.31
C THR K 15 -52.04 -30.58 0.19
N LEU K 16 -53.06 -30.06 -0.49
CA LEU K 16 -52.87 -29.11 -1.58
C LEU K 16 -52.35 -27.80 -1.03
N ASP K 17 -53.01 -27.25 -0.02
CA ASP K 17 -52.56 -25.99 0.55
C ASP K 17 -51.14 -26.08 1.10
N SER K 18 -50.71 -27.24 1.54
CA SER K 18 -49.34 -27.35 2.04
C SER K 18 -48.48 -26.97 0.83
N LEU K 19 -48.78 -27.59 -0.31
CA LEU K 19 -48.05 -27.34 -1.54
C LEU K 19 -48.08 -25.87 -1.92
N SER K 20 -49.25 -25.25 -1.90
CA SER K 20 -49.36 -23.84 -2.23
C SER K 20 -48.27 -23.03 -1.53
N GLN K 21 -48.24 -23.04 -0.20
CA GLN K 21 -47.21 -22.27 0.51
C GLN K 21 -45.83 -22.90 0.42
N ARG K 22 -45.74 -24.18 0.80
CA ARG K 22 -44.47 -24.87 0.78
C ARG K 22 -43.63 -24.66 -0.49
N ARG K 23 -44.26 -24.83 -1.65
CA ARG K 23 -43.52 -24.67 -2.89
C ARG K 23 -43.90 -23.51 -3.80
N GLY K 24 -43.78 -22.28 -3.29
CA GLY K 24 -44.07 -21.12 -4.11
C GLY K 24 -45.44 -20.49 -4.20
N TYR K 25 -46.26 -20.91 -5.16
CA TYR K 25 -47.57 -20.31 -5.32
C TYR K 25 -48.29 -20.02 -4.03
N ASN K 26 -48.29 -18.79 -3.56
CA ASN K 26 -49.07 -18.54 -2.37
C ASN K 26 -50.46 -18.24 -2.90
N ASN K 27 -50.84 -19.07 -3.88
CA ASN K 27 -52.11 -18.99 -4.58
C ASN K 27 -52.63 -20.42 -4.82
N ARG K 28 -53.79 -20.73 -4.26
CA ARG K 28 -54.37 -22.06 -4.43
C ARG K 28 -54.73 -22.29 -5.88
N SER K 29 -55.47 -21.34 -6.44
CA SER K 29 -55.88 -21.41 -7.85
C SER K 29 -54.71 -21.83 -8.77
N GLU K 30 -53.60 -21.09 -8.76
CA GLU K 30 -52.50 -21.48 -9.62
C GLU K 30 -52.09 -22.90 -9.33
N ALA K 31 -51.66 -23.15 -8.10
CA ALA K 31 -51.24 -24.50 -7.74
C ALA K 31 -52.09 -25.54 -8.49
N ILE K 32 -53.40 -25.41 -8.37
CA ILE K 32 -54.30 -26.33 -9.04
C ILE K 32 -54.09 -26.32 -10.55
N ARG K 33 -54.26 -25.16 -11.16
CA ARG K 33 -54.10 -25.00 -12.61
C ARG K 33 -52.84 -25.71 -13.09
N ASP K 34 -51.69 -25.31 -12.55
CA ASP K 34 -50.44 -25.93 -12.94
C ASP K 34 -50.57 -27.45 -12.88
N ILE K 35 -51.22 -27.97 -11.84
CA ILE K 35 -51.37 -29.42 -11.72
C ILE K 35 -52.38 -29.94 -12.72
N LEU K 36 -53.29 -29.06 -13.12
CA LEU K 36 -54.33 -29.40 -14.08
C LEU K 36 -53.72 -29.41 -15.46
N ARG K 37 -52.85 -28.45 -15.74
CA ARG K 37 -52.24 -28.41 -17.04
C ARG K 37 -51.23 -29.51 -17.21
N SER K 38 -50.70 -30.04 -16.12
CA SER K 38 -49.76 -31.15 -16.22
C SER K 38 -50.59 -32.32 -16.73
N ALA K 39 -51.73 -32.52 -16.09
CA ALA K 39 -52.62 -33.59 -16.45
C ALA K 39 -52.96 -33.55 -17.93
N LEU K 40 -53.57 -32.45 -18.36
CA LEU K 40 -53.96 -32.31 -19.77
C LEU K 40 -52.78 -32.46 -20.71
N ALA K 41 -51.74 -31.66 -20.48
CA ALA K 41 -50.55 -31.66 -21.32
C ALA K 41 -50.05 -33.04 -21.69
N GLN K 42 -50.29 -34.02 -20.83
CA GLN K 42 -49.85 -35.39 -21.14
C GLN K 42 -50.68 -35.94 -22.27
N GLU K 43 -52.00 -35.85 -22.12
CA GLU K 43 -52.91 -36.32 -23.14
C GLU K 43 -52.84 -35.47 -24.40
N ALA K 44 -52.18 -34.33 -24.32
CA ALA K 44 -52.06 -33.46 -25.47
C ALA K 44 -50.93 -33.98 -26.33
N THR K 45 -49.80 -34.28 -25.69
CA THR K 45 -48.61 -34.78 -26.37
C THR K 45 -48.85 -36.09 -27.09
N GLN K 46 -49.19 -37.12 -26.32
CA GLN K 46 -49.44 -38.45 -26.85
C GLN K 46 -50.80 -38.53 -27.54
N GLN K 47 -50.99 -37.70 -28.56
CA GLN K 47 -52.23 -37.67 -29.33
C GLN K 47 -52.01 -37.20 -30.77
N HIS K 48 -52.98 -37.54 -31.63
CA HIS K 48 -52.97 -37.23 -33.06
C HIS K 48 -52.48 -35.85 -33.52
N GLY K 49 -51.58 -35.87 -34.50
CA GLY K 49 -51.02 -34.67 -35.12
C GLY K 49 -50.60 -33.46 -34.29
N THR K 50 -50.38 -33.66 -32.99
CA THR K 50 -50.00 -32.57 -32.11
C THR K 50 -48.55 -32.13 -32.39
N GLN K 51 -48.35 -30.82 -32.51
CA GLN K 51 -47.02 -30.25 -32.79
C GLN K 51 -46.58 -29.22 -31.74
N GLY K 52 -45.31 -28.80 -31.80
CA GLY K 52 -44.82 -27.82 -30.85
C GLY K 52 -43.34 -27.90 -30.55
N PHE K 53 -42.96 -27.55 -29.32
CA PHE K 53 -41.55 -27.64 -28.92
C PHE K 53 -41.34 -28.74 -27.95
N ALA K 54 -40.06 -28.98 -27.64
CA ALA K 54 -39.70 -30.04 -26.73
C ALA K 54 -38.29 -29.86 -26.23
N VAL K 55 -38.08 -30.21 -24.97
CA VAL K 55 -36.77 -30.09 -24.37
C VAL K 55 -36.15 -31.43 -24.01
N LEU K 56 -35.22 -31.88 -24.84
CA LEU K 56 -34.56 -33.16 -24.63
C LEU K 56 -33.25 -33.04 -23.90
N SER K 57 -33.22 -33.40 -22.62
CA SER K 57 -31.99 -33.30 -21.84
C SER K 57 -31.35 -34.64 -21.56
N TYR K 58 -30.02 -34.71 -21.66
CA TYR K 58 -29.28 -35.94 -21.39
C TYR K 58 -27.82 -35.72 -20.96
N VAL K 59 -27.21 -36.79 -20.46
CA VAL K 59 -25.82 -36.75 -19.99
C VAL K 59 -25.08 -37.85 -20.74
N TYR K 60 -23.76 -37.72 -20.86
CA TYR K 60 -22.94 -38.71 -21.56
C TYR K 60 -21.48 -38.26 -21.49
N GLU K 61 -20.56 -39.21 -21.58
CA GLU K 61 -19.13 -38.89 -21.51
C GLU K 61 -18.47 -38.64 -22.89
N HIS K 62 -17.57 -37.66 -22.93
CA HIS K 62 -16.86 -37.28 -24.16
C HIS K 62 -15.67 -38.17 -24.39
N GLU K 63 -15.52 -39.17 -23.52
CA GLU K 63 -14.41 -40.12 -23.58
C GLU K 63 -14.62 -41.31 -24.53
N LYS K 64 -15.87 -41.57 -24.93
CA LYS K 64 -16.16 -42.68 -25.85
C LYS K 64 -16.18 -42.17 -27.29
N ARG K 65 -15.37 -42.80 -28.15
CA ARG K 65 -15.27 -42.40 -29.55
C ARG K 65 -16.59 -42.51 -30.31
N ASP K 66 -17.39 -43.52 -29.98
CA ASP K 66 -18.66 -43.71 -30.66
C ASP K 66 -19.75 -42.75 -30.17
N LEU K 67 -19.70 -42.39 -28.89
CA LEU K 67 -20.68 -41.47 -28.30
C LEU K 67 -20.85 -40.00 -28.65
N ALA K 68 -19.83 -39.21 -28.33
CA ALA K 68 -19.85 -37.78 -28.60
C ALA K 68 -20.00 -37.48 -30.09
N SER K 69 -19.40 -38.32 -30.92
CA SER K 69 -19.42 -38.14 -32.37
C SER K 69 -20.78 -38.40 -33.02
N ARG K 70 -21.41 -39.50 -32.64
CA ARG K 70 -22.71 -39.88 -33.19
C ARG K 70 -23.79 -38.85 -32.85
N ILE K 71 -24.02 -38.61 -31.56
CA ILE K 71 -25.03 -37.66 -31.11
C ILE K 71 -25.25 -36.52 -32.08
N VAL K 72 -24.20 -35.74 -32.32
CA VAL K 72 -24.26 -34.59 -33.22
C VAL K 72 -24.68 -34.98 -34.63
N SER K 73 -24.23 -36.15 -35.07
CA SER K 73 -24.57 -36.62 -36.40
C SER K 73 -26.07 -36.89 -36.49
N THR K 74 -26.51 -37.91 -35.76
CA THR K 74 -27.92 -38.31 -35.74
C THR K 74 -28.82 -37.15 -35.39
N GLN K 75 -28.24 -36.04 -34.96
CA GLN K 75 -29.03 -34.87 -34.63
C GLN K 75 -29.12 -34.07 -35.92
N HIS K 76 -27.98 -33.91 -36.60
CA HIS K 76 -27.95 -33.19 -37.86
C HIS K 76 -28.86 -33.95 -38.80
N HIS K 77 -28.98 -35.26 -38.52
CA HIS K 77 -29.83 -36.16 -39.28
C HIS K 77 -31.18 -35.47 -39.47
N HIS K 78 -31.76 -35.02 -38.37
CA HIS K 78 -33.04 -34.33 -38.42
C HIS K 78 -32.84 -32.91 -37.94
N HIS K 79 -31.87 -32.24 -38.56
CA HIS K 79 -31.53 -30.87 -38.22
C HIS K 79 -32.70 -29.91 -38.43
N ASP K 80 -33.82 -30.44 -38.93
CA ASP K 80 -34.98 -29.60 -39.15
C ASP K 80 -35.83 -29.57 -37.88
N LEU K 81 -35.45 -30.38 -36.91
CA LEU K 81 -36.16 -30.45 -35.63
C LEU K 81 -35.38 -29.76 -34.54
N SER K 82 -34.06 -29.66 -34.73
CA SER K 82 -33.19 -29.04 -33.75
C SER K 82 -33.11 -27.53 -33.87
N VAL K 83 -33.67 -26.84 -32.87
CA VAL K 83 -33.65 -25.40 -32.82
C VAL K 83 -32.24 -25.01 -32.44
N ALA K 84 -31.78 -25.60 -31.35
CA ALA K 84 -30.44 -25.34 -30.88
C ALA K 84 -30.12 -26.37 -29.82
N THR K 85 -28.95 -26.22 -29.23
CA THR K 85 -28.51 -27.16 -28.21
C THR K 85 -27.39 -26.63 -27.34
N LEU K 86 -27.77 -26.41 -26.09
CA LEU K 86 -26.86 -25.93 -25.06
C LEU K 86 -26.12 -27.16 -24.57
N HIS K 87 -24.82 -27.03 -24.32
CA HIS K 87 -24.02 -28.15 -23.87
C HIS K 87 -23.09 -27.67 -22.81
N VAL K 88 -22.96 -28.44 -21.74
CA VAL K 88 -22.09 -28.05 -20.64
C VAL K 88 -21.07 -29.13 -20.35
N HIS K 89 -19.85 -28.72 -20.03
CA HIS K 89 -18.80 -29.68 -19.70
C HIS K 89 -18.74 -29.75 -18.19
N ILE K 90 -19.71 -30.43 -17.60
CA ILE K 90 -19.82 -30.57 -16.15
C ILE K 90 -18.51 -30.92 -15.46
N ASN K 91 -17.82 -31.95 -15.94
CA ASN K 91 -16.53 -32.32 -15.36
C ASN K 91 -15.52 -32.52 -16.49
N HIS K 92 -14.48 -33.31 -16.26
CA HIS K 92 -13.46 -33.51 -17.28
C HIS K 92 -13.90 -34.37 -18.46
N ASP K 93 -14.68 -35.41 -18.19
CA ASP K 93 -15.12 -36.30 -19.26
C ASP K 93 -16.64 -36.47 -19.40
N ASP K 94 -17.42 -35.74 -18.61
CA ASP K 94 -18.88 -35.82 -18.68
C ASP K 94 -19.53 -34.59 -19.33
N CYS K 95 -20.58 -34.85 -20.09
CA CYS K 95 -21.30 -33.82 -20.79
C CYS K 95 -22.78 -33.74 -20.46
N LEU K 96 -23.27 -32.52 -20.26
CA LEU K 96 -24.68 -32.30 -20.00
C LEU K 96 -25.17 -31.57 -21.25
N GLU K 97 -25.99 -32.25 -22.03
CA GLU K 97 -26.48 -31.65 -23.25
C GLU K 97 -27.99 -31.50 -23.18
N ILE K 98 -28.46 -30.31 -23.52
CA ILE K 98 -29.88 -30.00 -23.53
C ILE K 98 -30.15 -29.57 -24.95
N ALA K 99 -31.20 -30.11 -25.54
CA ALA K 99 -31.53 -29.78 -26.91
C ALA K 99 -32.98 -29.41 -27.07
N VAL K 100 -33.22 -28.22 -27.61
CA VAL K 100 -34.58 -27.75 -27.86
C VAL K 100 -35.00 -28.27 -29.23
N LEU K 101 -36.21 -28.79 -29.34
CA LEU K 101 -36.67 -29.32 -30.62
C LEU K 101 -38.02 -28.74 -30.94
N LYS K 102 -38.34 -28.70 -32.23
CA LYS K 102 -39.60 -28.16 -32.70
C LYS K 102 -40.03 -28.94 -33.91
N GLY K 103 -41.30 -29.33 -33.93
CA GLY K 103 -41.86 -30.09 -35.04
C GLY K 103 -43.07 -30.90 -34.59
N ASP K 104 -43.51 -31.84 -35.41
CA ASP K 104 -44.65 -32.67 -35.04
C ASP K 104 -44.24 -33.53 -33.85
N MSE K 105 -44.97 -33.41 -32.75
CA MSE K 105 -44.66 -34.17 -31.54
C MSE K 105 -44.28 -35.61 -31.86
O MSE K 105 -43.46 -36.21 -31.17
CB MSE K 105 -45.84 -34.16 -30.57
CG MSE K 105 -46.09 -32.80 -29.95
SE MSE K 105 -44.56 -32.13 -28.97
CE MSE K 105 -43.84 -30.97 -30.32
N GLY K 106 -44.89 -36.16 -32.90
CA GLY K 106 -44.56 -37.52 -33.28
C GLY K 106 -43.07 -37.62 -33.54
N ASP K 107 -42.66 -37.24 -34.74
CA ASP K 107 -41.26 -37.28 -35.13
C ASP K 107 -40.35 -36.91 -33.96
N VAL K 108 -40.70 -35.86 -33.23
CA VAL K 108 -39.86 -35.44 -32.11
C VAL K 108 -39.63 -36.55 -31.12
N GLN K 109 -40.68 -37.26 -30.75
CA GLN K 109 -40.49 -38.36 -29.83
C GLN K 109 -39.51 -39.29 -30.50
N HIS K 110 -39.80 -39.67 -31.74
CA HIS K 110 -38.93 -40.54 -32.53
C HIS K 110 -37.48 -40.06 -32.36
N PHE K 111 -37.22 -38.85 -32.81
CA PHE K 111 -35.91 -38.24 -32.73
C PHE K 111 -35.29 -38.34 -31.34
N ALA K 112 -36.10 -38.29 -30.30
CA ALA K 112 -35.57 -38.37 -28.94
C ALA K 112 -34.98 -39.75 -28.74
N ASP K 113 -35.80 -40.75 -29.02
CA ASP K 113 -35.40 -42.14 -28.90
C ASP K 113 -34.06 -42.41 -29.55
N ASP K 114 -33.98 -42.11 -30.84
CA ASP K 114 -32.74 -42.31 -31.60
C ASP K 114 -31.58 -41.51 -31.01
N VAL K 115 -31.73 -41.05 -29.78
CA VAL K 115 -30.67 -40.28 -29.14
C VAL K 115 -30.37 -40.84 -27.77
N ILE K 116 -31.41 -41.34 -27.10
CA ILE K 116 -31.25 -41.90 -25.78
C ILE K 116 -30.65 -43.31 -25.87
N ALA K 117 -30.81 -43.93 -27.04
CA ALA K 117 -30.29 -45.27 -27.30
C ALA K 117 -28.77 -45.26 -27.24
N GLN K 118 -28.14 -44.72 -28.29
CA GLN K 118 -26.68 -44.62 -28.40
C GLN K 118 -26.00 -44.82 -27.04
N ARG K 119 -25.71 -46.07 -26.71
CA ARG K 119 -25.08 -46.46 -25.45
C ARG K 119 -24.16 -45.39 -24.88
N GLY K 120 -24.38 -45.03 -23.63
CA GLY K 120 -23.55 -44.01 -23.00
C GLY K 120 -24.35 -42.77 -22.69
N VAL K 121 -25.61 -42.77 -23.11
CA VAL K 121 -26.48 -41.64 -22.86
C VAL K 121 -27.33 -42.02 -21.68
N ARG K 122 -27.02 -41.44 -20.54
CA ARG K 122 -27.74 -41.72 -19.32
C ARG K 122 -28.70 -40.60 -18.98
N HIS K 123 -29.69 -40.92 -18.15
CA HIS K 123 -30.69 -39.96 -17.68
C HIS K 123 -31.43 -39.20 -18.76
N GLY K 124 -31.54 -39.82 -19.95
CA GLY K 124 -32.25 -39.15 -21.01
C GLY K 124 -33.68 -38.82 -20.59
N HIS K 125 -34.13 -37.62 -20.94
CA HIS K 125 -35.49 -37.19 -20.60
C HIS K 125 -36.11 -36.23 -21.62
N LEU K 126 -37.32 -36.54 -22.06
CA LEU K 126 -37.99 -35.68 -23.02
C LEU K 126 -39.13 -34.97 -22.30
N GLN K 127 -39.29 -33.69 -22.61
CA GLN K 127 -40.34 -32.88 -22.02
C GLN K 127 -41.06 -32.16 -23.15
N CYS K 128 -42.30 -32.57 -23.44
CA CYS K 128 -43.07 -31.96 -24.51
C CYS K 128 -43.83 -30.67 -24.18
N LEU K 129 -43.97 -29.82 -25.18
CA LEU K 129 -44.63 -28.54 -25.01
C LEU K 129 -45.43 -28.17 -26.24
N PRO K 130 -46.59 -28.79 -26.41
CA PRO K 130 -47.54 -28.61 -27.51
C PRO K 130 -47.85 -27.16 -27.88
N LYS K 131 -48.90 -26.96 -28.66
CA LYS K 131 -49.28 -25.62 -29.08
C LYS K 131 -50.73 -25.32 -28.71
N MSE L 1 -67.13 -31.88 3.53
CA MSE L 1 -65.89 -31.51 2.79
C MSE L 1 -65.84 -30.00 2.63
O MSE L 1 -66.74 -29.30 3.11
CB MSE L 1 -65.90 -32.14 1.41
CG MSE L 1 -66.30 -33.58 1.41
SE MSE L 1 -66.34 -34.18 -0.40
CE MSE L 1 -65.18 -35.71 -0.27
N GLN L 2 -64.80 -29.49 1.96
CA GLN L 2 -64.68 -28.05 1.77
C GLN L 2 -64.97 -27.54 0.37
N ARG L 3 -65.43 -26.29 0.30
CA ARG L 3 -65.74 -25.63 -0.95
C ARG L 3 -64.51 -24.87 -1.42
N VAL L 4 -64.33 -24.79 -2.73
CA VAL L 4 -63.17 -24.11 -3.28
C VAL L 4 -63.52 -23.59 -4.64
N THR L 5 -63.14 -22.37 -4.92
CA THR L 5 -63.44 -21.79 -6.21
C THR L 5 -62.17 -21.49 -6.94
N ILE L 6 -62.03 -22.03 -8.15
CA ILE L 6 -60.84 -21.75 -8.93
C ILE L 6 -61.30 -21.00 -10.16
N THR L 7 -60.38 -20.28 -10.79
CA THR L 7 -60.70 -19.49 -11.98
C THR L 7 -59.93 -20.07 -13.13
N LEU L 8 -60.61 -20.51 -14.18
CA LEU L 8 -59.90 -21.12 -15.31
C LEU L 8 -60.08 -20.43 -16.65
N ASP L 9 -59.12 -20.62 -17.55
CA ASP L 9 -59.27 -20.06 -18.88
C ASP L 9 -60.35 -20.91 -19.53
N ASP L 10 -61.12 -20.33 -20.44
CA ASP L 10 -62.19 -21.08 -21.09
C ASP L 10 -61.66 -22.36 -21.70
N ASP L 11 -60.66 -22.23 -22.55
CA ASP L 11 -60.09 -23.39 -23.19
C ASP L 11 -59.72 -24.45 -22.15
N LEU L 12 -58.90 -24.07 -21.18
CA LEU L 12 -58.50 -25.02 -20.15
C LEU L 12 -59.72 -25.78 -19.68
N LEU L 13 -60.73 -25.04 -19.24
CA LEU L 13 -61.97 -25.63 -18.72
C LEU L 13 -62.59 -26.66 -19.65
N GLU L 14 -62.74 -26.29 -20.92
CA GLU L 14 -63.30 -27.23 -21.89
C GLU L 14 -62.40 -28.45 -22.00
N THR L 15 -61.13 -28.20 -22.31
CA THR L 15 -60.16 -29.26 -22.40
C THR L 15 -60.33 -30.19 -21.21
N LEU L 16 -60.46 -29.63 -20.02
CA LEU L 16 -60.61 -30.41 -18.81
C LEU L 16 -61.91 -31.16 -18.68
N ASP L 17 -63.03 -30.47 -18.90
CA ASP L 17 -64.34 -31.13 -18.78
C ASP L 17 -64.54 -32.28 -19.75
N SER L 18 -64.38 -32.02 -21.04
CA SER L 18 -64.53 -33.06 -22.07
C SER L 18 -63.69 -34.28 -21.73
N LEU L 19 -62.42 -34.06 -21.47
CA LEU L 19 -61.54 -35.16 -21.11
C LEU L 19 -62.04 -35.85 -19.86
N SER L 20 -62.73 -35.11 -18.99
CA SER L 20 -63.26 -35.71 -17.78
C SER L 20 -64.48 -36.52 -18.14
N GLN L 21 -65.18 -36.11 -19.19
CA GLN L 21 -66.37 -36.81 -19.63
C GLN L 21 -66.01 -38.10 -20.37
N ARG L 22 -65.00 -38.04 -21.23
CA ARG L 22 -64.56 -39.19 -21.99
C ARG L 22 -64.01 -40.29 -21.08
N ARG L 23 -63.79 -39.94 -19.81
CA ARG L 23 -63.26 -40.90 -18.82
C ARG L 23 -64.34 -41.46 -17.91
N GLY L 24 -65.58 -41.08 -18.13
CA GLY L 24 -66.66 -41.60 -17.31
C GLY L 24 -66.99 -40.78 -16.07
N TYR L 25 -66.46 -39.57 -16.00
CA TYR L 25 -66.72 -38.69 -14.86
C TYR L 25 -67.99 -37.89 -15.10
N ASN L 26 -68.91 -37.96 -14.16
CA ASN L 26 -70.15 -37.23 -14.28
C ASN L 26 -70.05 -35.89 -13.56
N ASN L 27 -69.13 -35.78 -12.61
CA ASN L 27 -68.96 -34.54 -11.87
C ASN L 27 -67.55 -34.03 -11.79
N ARG L 28 -67.36 -32.76 -12.13
CA ARG L 28 -66.05 -32.15 -12.11
C ARG L 28 -65.30 -32.41 -10.81
N SER L 29 -65.86 -31.94 -9.70
CA SER L 29 -65.21 -32.10 -8.40
C SER L 29 -64.54 -33.45 -8.21
N GLU L 30 -65.11 -34.51 -8.76
CA GLU L 30 -64.49 -35.83 -8.63
C GLU L 30 -63.27 -35.80 -9.52
N ALA L 31 -63.52 -35.56 -10.81
CA ALA L 31 -62.47 -35.50 -11.82
C ALA L 31 -61.22 -34.80 -11.29
N ILE L 32 -61.39 -33.54 -10.94
CA ILE L 32 -60.29 -32.72 -10.42
C ILE L 32 -59.70 -33.32 -9.16
N ARG L 33 -60.56 -33.81 -8.28
CA ARG L 33 -60.12 -34.41 -7.02
C ARG L 33 -59.15 -35.53 -7.30
N ASP L 34 -59.48 -36.35 -8.30
CA ASP L 34 -58.65 -37.48 -8.70
C ASP L 34 -57.29 -37.07 -9.24
N ILE L 35 -57.23 -35.94 -9.94
CA ILE L 35 -55.97 -35.48 -10.50
C ILE L 35 -55.11 -34.85 -9.43
N LEU L 36 -55.69 -33.95 -8.65
CA LEU L 36 -54.94 -33.31 -7.57
C LEU L 36 -54.32 -34.41 -6.71
N ARG L 37 -55.17 -35.24 -6.13
CA ARG L 37 -54.74 -36.35 -5.27
C ARG L 37 -53.58 -37.10 -5.93
N SER L 38 -53.80 -37.54 -7.15
CA SER L 38 -52.80 -38.29 -7.90
C SER L 38 -51.51 -37.50 -7.96
N ALA L 39 -51.39 -36.67 -8.98
CA ALA L 39 -50.20 -35.85 -9.15
C ALA L 39 -49.71 -35.23 -7.85
N LEU L 40 -50.62 -34.62 -7.08
CA LEU L 40 -50.20 -33.98 -5.84
C LEU L 40 -49.50 -34.95 -4.92
N ALA L 41 -49.74 -36.24 -5.12
CA ALA L 41 -49.09 -37.25 -4.28
C ALA L 41 -47.76 -37.71 -4.89
N GLN L 42 -47.76 -38.04 -6.19
CA GLN L 42 -46.55 -38.47 -6.89
C GLN L 42 -45.62 -37.27 -7.07
N GLU L 43 -45.26 -36.63 -5.96
CA GLU L 43 -44.40 -35.44 -5.93
C GLU L 43 -42.91 -35.78 -5.90
N ALA L 44 -42.07 -34.77 -5.75
CA ALA L 44 -40.61 -34.95 -5.70
C ALA L 44 -39.80 -33.70 -5.29
N THR L 45 -39.80 -33.39 -3.98
CA THR L 45 -39.06 -32.23 -3.44
C THR L 45 -37.58 -32.58 -3.25
N GLN L 46 -36.71 -31.57 -3.28
CA GLN L 46 -35.28 -31.79 -3.07
C GLN L 46 -34.92 -31.41 -1.65
N GLN L 47 -34.16 -32.26 -0.99
CA GLN L 47 -33.71 -32.02 0.38
C GLN L 47 -32.36 -31.29 0.33
N HIS L 48 -32.34 -30.05 0.80
CA HIS L 48 -31.11 -29.26 0.82
C HIS L 48 -29.97 -30.18 1.27
N GLY L 49 -29.26 -30.77 0.33
CA GLY L 49 -28.17 -31.66 0.70
C GLY L 49 -27.28 -32.05 -0.47
N THR L 50 -27.87 -32.63 -1.49
CA THR L 50 -27.14 -33.05 -2.69
C THR L 50 -26.80 -31.84 -3.58
N GLN L 51 -25.60 -31.80 -4.14
CA GLN L 51 -25.19 -30.71 -5.02
C GLN L 51 -25.05 -31.30 -6.42
N GLY L 52 -25.38 -30.52 -7.44
CA GLY L 52 -25.26 -31.04 -8.80
C GLY L 52 -25.75 -30.08 -9.88
N PHE L 53 -26.49 -30.60 -10.84
CA PHE L 53 -27.03 -29.78 -11.91
C PHE L 53 -28.49 -30.07 -12.04
N ALA L 54 -29.21 -29.08 -12.54
CA ALA L 54 -30.63 -29.23 -12.76
C ALA L 54 -30.97 -28.50 -14.04
N VAL L 55 -32.07 -28.90 -14.68
CA VAL L 55 -32.50 -28.29 -15.92
C VAL L 55 -33.96 -27.81 -15.84
N LEU L 56 -34.13 -26.57 -15.39
CA LEU L 56 -35.44 -25.95 -15.23
C LEU L 56 -35.97 -25.32 -16.53
N SER L 57 -37.00 -25.91 -17.12
CA SER L 57 -37.55 -25.37 -18.37
C SER L 57 -39.00 -24.92 -18.18
N TYR L 58 -39.42 -23.91 -18.93
CA TYR L 58 -40.76 -23.40 -18.77
C TYR L 58 -41.10 -22.35 -19.80
N VAL L 59 -42.39 -22.20 -20.02
CA VAL L 59 -42.89 -21.24 -20.97
C VAL L 59 -43.50 -20.10 -20.18
N TYR L 60 -43.68 -18.93 -20.81
CA TYR L 60 -44.29 -17.82 -20.11
C TYR L 60 -44.48 -16.63 -21.03
N GLU L 61 -45.50 -15.83 -20.73
CA GLU L 61 -45.81 -14.63 -21.49
C GLU L 61 -44.93 -13.55 -20.90
N HIS L 62 -44.05 -12.97 -21.71
CA HIS L 62 -43.13 -11.95 -21.21
C HIS L 62 -43.83 -10.64 -20.88
N GLU L 63 -45.06 -10.50 -21.36
CA GLU L 63 -45.81 -9.29 -21.10
C GLU L 63 -46.50 -9.30 -19.72
N LYS L 64 -47.13 -10.42 -19.38
CA LYS L 64 -47.85 -10.57 -18.12
C LYS L 64 -47.02 -10.19 -16.90
N ARG L 65 -47.60 -9.30 -16.10
CA ARG L 65 -46.98 -8.81 -14.89
C ARG L 65 -45.46 -8.78 -15.03
N ASP L 66 -44.98 -7.87 -15.88
CA ASP L 66 -43.55 -7.70 -16.13
C ASP L 66 -42.82 -8.97 -15.73
N LEU L 67 -43.23 -10.06 -16.34
CA LEU L 67 -42.64 -11.35 -16.04
C LEU L 67 -41.20 -11.41 -16.50
N ALA L 68 -40.95 -11.02 -17.73
CA ALA L 68 -39.61 -11.02 -18.30
C ALA L 68 -38.66 -10.27 -17.40
N SER L 69 -39.01 -9.01 -17.12
CA SER L 69 -38.19 -8.17 -16.25
C SER L 69 -38.02 -8.78 -14.86
N ARG L 70 -39.05 -9.46 -14.37
CA ARG L 70 -39.00 -10.08 -13.05
C ARG L 70 -38.16 -11.35 -13.02
N ILE L 71 -38.51 -12.33 -13.85
CA ILE L 71 -37.78 -13.59 -13.90
C ILE L 71 -36.27 -13.40 -13.85
N VAL L 72 -35.80 -12.35 -14.52
CA VAL L 72 -34.36 -12.07 -14.53
C VAL L 72 -33.90 -11.75 -13.11
N SER L 73 -34.54 -10.78 -12.46
CA SER L 73 -34.18 -10.41 -11.09
C SER L 73 -34.18 -11.68 -10.23
N THR L 74 -35.31 -12.36 -10.28
CA THR L 74 -35.49 -13.59 -9.54
C THR L 74 -34.23 -14.43 -9.70
N GLN L 75 -33.71 -14.50 -10.92
CA GLN L 75 -32.52 -15.30 -11.11
C GLN L 75 -31.29 -14.61 -10.59
N HIS L 76 -31.08 -13.37 -10.99
CA HIS L 76 -29.92 -12.61 -10.55
C HIS L 76 -29.78 -12.61 -9.02
N HIS L 77 -30.88 -12.87 -8.32
CA HIS L 77 -30.78 -12.91 -6.86
C HIS L 77 -29.92 -14.11 -6.49
N HIS L 78 -30.13 -15.23 -7.17
CA HIS L 78 -29.31 -16.41 -6.89
C HIS L 78 -28.37 -16.62 -8.07
N HIS L 79 -27.80 -15.54 -8.60
CA HIS L 79 -26.93 -15.69 -9.75
C HIS L 79 -25.73 -16.60 -9.54
N ASP L 80 -25.54 -17.06 -8.32
CA ASP L 80 -24.42 -17.95 -8.03
C ASP L 80 -24.98 -19.36 -8.07
N LEU L 81 -26.14 -19.50 -8.69
CA LEU L 81 -26.79 -20.79 -8.77
C LEU L 81 -27.17 -21.13 -10.19
N SER L 82 -27.08 -20.13 -11.06
CA SER L 82 -27.42 -20.26 -12.48
C SER L 82 -26.22 -20.29 -13.40
N VAL L 83 -26.10 -21.37 -14.17
CA VAL L 83 -24.99 -21.53 -15.11
C VAL L 83 -25.23 -20.65 -16.32
N ALA L 84 -26.42 -20.80 -16.87
CA ALA L 84 -26.84 -20.05 -18.04
C ALA L 84 -28.27 -20.46 -18.29
N THR L 85 -28.94 -19.75 -19.17
CA THR L 85 -30.31 -20.09 -19.52
C THR L 85 -30.48 -19.72 -20.98
N LEU L 86 -31.15 -20.58 -21.72
CA LEU L 86 -31.36 -20.42 -23.15
C LEU L 86 -32.82 -20.12 -23.46
N HIS L 87 -33.04 -18.98 -24.10
CA HIS L 87 -34.38 -18.53 -24.42
C HIS L 87 -34.67 -18.74 -25.89
N VAL L 88 -35.94 -18.93 -26.23
CA VAL L 88 -36.37 -19.11 -27.61
C VAL L 88 -37.75 -18.48 -27.80
N HIS L 89 -37.81 -17.29 -28.40
CA HIS L 89 -39.09 -16.62 -28.60
C HIS L 89 -39.97 -17.40 -29.58
N ILE L 90 -41.01 -18.03 -29.06
CA ILE L 90 -41.94 -18.84 -29.83
C ILE L 90 -43.12 -18.12 -30.48
N ASN L 91 -43.18 -16.80 -30.31
CA ASN L 91 -44.23 -15.97 -30.89
C ASN L 91 -44.23 -14.59 -30.29
N HIS L 92 -45.14 -13.74 -30.73
CA HIS L 92 -45.13 -12.39 -30.19
C HIS L 92 -45.28 -12.32 -28.69
N ASP L 93 -46.12 -13.17 -28.12
CA ASP L 93 -46.37 -13.15 -26.68
C ASP L 93 -45.66 -14.16 -25.79
N ASP L 94 -45.57 -15.40 -26.25
CA ASP L 94 -44.99 -16.48 -25.45
C ASP L 94 -43.51 -16.75 -25.63
N CYS L 95 -42.90 -17.30 -24.58
CA CYS L 95 -41.48 -17.61 -24.59
C CYS L 95 -41.16 -18.93 -23.93
N LEU L 96 -40.08 -19.55 -24.39
CA LEU L 96 -39.65 -20.82 -23.85
C LEU L 96 -38.24 -20.73 -23.31
N GLU L 97 -38.07 -20.62 -21.99
CA GLU L 97 -36.72 -20.55 -21.42
C GLU L 97 -36.34 -21.93 -20.89
N ILE L 98 -35.03 -22.14 -20.74
CA ILE L 98 -34.48 -23.38 -20.27
C ILE L 98 -33.28 -22.91 -19.50
N ALA L 99 -33.28 -23.14 -18.19
CA ALA L 99 -32.19 -22.70 -17.37
C ALA L 99 -31.42 -23.86 -16.80
N VAL L 100 -30.10 -23.79 -16.89
CA VAL L 100 -29.26 -24.82 -16.34
C VAL L 100 -28.81 -24.30 -14.99
N LEU L 101 -29.01 -25.13 -13.97
CA LEU L 101 -28.67 -24.75 -12.63
C LEU L 101 -27.61 -25.66 -12.03
N LYS L 102 -26.87 -25.12 -11.08
CA LYS L 102 -25.79 -25.84 -10.40
C LYS L 102 -25.64 -25.41 -8.94
N GLY L 103 -25.60 -26.39 -8.04
CA GLY L 103 -25.43 -26.11 -6.62
C GLY L 103 -26.17 -27.08 -5.72
N ASP L 104 -26.62 -26.58 -4.57
CA ASP L 104 -27.37 -27.38 -3.60
C ASP L 104 -28.74 -27.70 -4.18
N MSE L 105 -28.98 -28.97 -4.48
CA MSE L 105 -30.26 -29.38 -5.04
C MSE L 105 -31.40 -28.79 -4.24
O MSE L 105 -32.55 -28.81 -4.66
CB MSE L 105 -30.36 -30.91 -5.06
CG MSE L 105 -29.35 -31.59 -5.96
SE MSE L 105 -29.57 -31.09 -7.79
CE MSE L 105 -30.02 -32.82 -8.53
N GLY L 106 -31.06 -28.30 -3.06
CA GLY L 106 -32.07 -27.71 -2.22
C GLY L 106 -32.43 -26.36 -2.80
N ASP L 107 -31.46 -25.45 -2.75
CA ASP L 107 -31.65 -24.10 -3.27
C ASP L 107 -32.29 -24.17 -4.65
N VAL L 108 -31.77 -25.06 -5.48
CA VAL L 108 -32.31 -25.26 -6.82
C VAL L 108 -33.83 -25.35 -6.71
N GLN L 109 -34.34 -26.40 -6.08
CA GLN L 109 -35.77 -26.57 -5.93
C GLN L 109 -36.42 -25.23 -5.62
N HIS L 110 -35.88 -24.52 -4.63
CA HIS L 110 -36.45 -23.24 -4.27
C HIS L 110 -36.54 -22.42 -5.52
N PHE L 111 -35.39 -21.92 -5.95
CA PHE L 111 -35.25 -21.12 -7.15
C PHE L 111 -36.24 -21.58 -8.24
N ALA L 112 -36.29 -22.88 -8.51
CA ALA L 112 -37.21 -23.41 -9.49
C ALA L 112 -38.64 -22.95 -9.18
N ASP L 113 -39.08 -23.15 -7.94
CA ASP L 113 -40.43 -22.74 -7.57
C ASP L 113 -40.59 -21.22 -7.59
N ASP L 114 -39.50 -20.50 -7.36
CA ASP L 114 -39.57 -19.06 -7.39
C ASP L 114 -39.91 -18.58 -8.80
N VAL L 115 -39.92 -19.53 -9.73
CA VAL L 115 -40.25 -19.24 -11.12
C VAL L 115 -41.56 -19.91 -11.49
N ILE L 116 -41.53 -21.23 -11.59
CA ILE L 116 -42.69 -22.02 -11.96
C ILE L 116 -44.02 -21.55 -11.39
N ALA L 117 -44.03 -21.21 -10.11
CA ALA L 117 -45.24 -20.78 -9.43
C ALA L 117 -45.91 -19.56 -10.06
N GLN L 118 -45.13 -18.56 -10.42
CA GLN L 118 -45.66 -17.34 -11.03
C GLN L 118 -46.89 -17.54 -11.94
N ARG L 119 -47.84 -16.62 -11.82
CA ARG L 119 -49.05 -16.65 -12.64
C ARG L 119 -48.55 -16.20 -14.00
N GLY L 120 -48.71 -17.06 -15.01
CA GLY L 120 -48.25 -16.70 -16.35
C GLY L 120 -46.90 -17.29 -16.64
N VAL L 121 -46.71 -18.52 -16.21
CA VAL L 121 -45.47 -19.24 -16.41
C VAL L 121 -45.92 -20.68 -16.38
N ARG L 122 -46.63 -21.06 -17.42
CA ARG L 122 -47.17 -22.39 -17.48
C ARG L 122 -46.13 -23.48 -17.84
N HIS L 123 -46.49 -24.73 -17.59
CA HIS L 123 -45.63 -25.87 -17.92
C HIS L 123 -44.28 -25.96 -17.24
N GLY L 124 -44.12 -25.31 -16.09
CA GLY L 124 -42.85 -25.39 -15.37
C GLY L 124 -42.39 -26.82 -15.18
N HIS L 125 -41.08 -27.04 -15.05
CA HIS L 125 -40.55 -28.40 -14.88
C HIS L 125 -39.06 -28.46 -14.51
N LEU L 126 -38.76 -29.12 -13.39
CA LEU L 126 -37.39 -29.22 -12.94
C LEU L 126 -36.88 -30.63 -13.08
N GLN L 127 -35.79 -30.80 -13.80
CA GLN L 127 -35.18 -32.10 -13.98
C GLN L 127 -33.89 -32.01 -13.22
N CYS L 128 -33.55 -33.05 -12.46
CA CYS L 128 -32.34 -33.04 -11.66
C CYS L 128 -31.31 -34.08 -12.08
N LEU L 129 -30.05 -33.79 -11.76
CA LEU L 129 -28.94 -34.69 -12.07
C LEU L 129 -27.91 -34.49 -10.97
N PRO L 130 -28.12 -35.14 -9.83
CA PRO L 130 -27.24 -35.08 -8.65
C PRO L 130 -25.98 -35.93 -8.83
N LYS L 131 -24.85 -35.46 -8.30
CA LYS L 131 -23.57 -36.17 -8.38
C LYS L 131 -23.66 -37.57 -7.77
NI NI M . 23.59 32.92 29.38
K K N . 16.94 5.67 14.89
K K O . 28.03 17.59 38.80
K K P . 29.80 25.53 14.12
NI NI Q . 28.20 24.39 39.58
K K R . 49.85 16.00 17.64
K K S . 26.59 32.98 21.10
NI NI T . 30.99 8.12 23.78
NI NI U . 33.60 18.10 14.21
NI NI V . -24.29 -29.42 -35.44
K K W . -24.70 1.21 -25.61
K K X . -18.22 -25.89 -17.37
NI NI Y . -29.05 -11.91 -16.36
K K Z . -37.37 -17.96 -33.52
NI NI AA . -18.55 -31.39 -22.84
K K BA . -47.42 -20.96 -12.99
K K CA . -32.15 -26.29 -36.99
NI NI DA . -38.91 -14.38 -25.65
K K EA . -24.01 -17.35 -13.01
#